data_5C1I
#
_entry.id   5C1I
#
_cell.length_a   110.429
_cell.length_b   110.429
_cell.length_c   306.441
_cell.angle_alpha   90.000
_cell.angle_beta   90.000
_cell.angle_gamma   120.000
#
_symmetry.space_group_name_H-M   'P 61 2 2'
#
loop_
_entity.id
_entity.type
_entity.pdbx_description
1 polymer 'tRNA (adenine(58)-N(1))-methyltransferase TrmI'
2 non-polymer 'SULFATE ION'
3 water water
#
_entity_poly.entity_id   1
_entity_poly.type   'polypeptide(L)'
_entity_poly.pdbx_seq_one_letter_code
;GPLLLKDRKGRAYLVFPKEGGVFHHHKGSVPHEALLEAGPGGVVRTHLGEELSVHRPTLEEYLLHMKRSATPTYPKDASA
MVTLLDLAPGMRVLEAGTGSGGLTLFLARAVGEKGLVESYEARPHHLAQAERNVRAFWQVENVRFHLGKLEEAELEEAAY
DGVALALMEPWKVLEKAALALKPDRFLVAYLPNITQVLELVRAAEAHPFRLERVLEVGWREWEVRLPVAHPRFQQVGHTA
FLVALRRWKGS
;
_entity_poly.pdbx_strand_id   A,B,C,D
#
# COMPACT_ATOMS: atom_id res chain seq x y z
N GLY A 1 -21.74 -26.99 -18.31
CA GLY A 1 -20.62 -26.20 -17.76
C GLY A 1 -19.28 -26.95 -17.55
N PRO A 2 -18.15 -26.20 -17.48
CA PRO A 2 -16.83 -26.78 -17.24
C PRO A 2 -16.54 -26.94 -15.76
N LEU A 3 -15.74 -27.94 -15.38
CA LEU A 3 -15.43 -28.22 -13.97
C LEU A 3 -13.98 -27.96 -13.58
N LEU A 4 -13.77 -27.51 -12.32
CA LEU A 4 -12.42 -27.31 -11.76
C LEU A 4 -12.09 -28.19 -10.55
N LEU A 5 -10.85 -28.69 -10.54
CA LEU A 5 -10.40 -29.70 -9.58
C LEU A 5 -9.22 -29.24 -8.73
N LEU A 14 -8.98 -28.57 -14.73
CA LEU A 14 -10.07 -28.03 -15.55
C LEU A 14 -10.48 -28.99 -16.67
N VAL A 15 -11.76 -29.38 -16.68
CA VAL A 15 -12.22 -30.42 -17.59
C VAL A 15 -13.59 -30.11 -18.16
N PHE A 16 -13.89 -30.68 -19.33
CA PHE A 16 -15.22 -30.52 -19.94
C PHE A 16 -15.84 -31.86 -20.30
N PRO A 17 -16.77 -32.35 -19.48
CA PRO A 17 -17.09 -33.80 -19.53
C PRO A 17 -17.59 -34.36 -20.86
N HIS A 32 -14.75 -39.97 -15.10
CA HIS A 32 -15.38 -38.71 -15.51
C HIS A 32 -16.65 -38.42 -14.70
N GLU A 33 -17.52 -39.43 -14.54
CA GLU A 33 -18.86 -39.25 -13.98
C GLU A 33 -18.95 -39.25 -12.43
N ALA A 34 -17.87 -39.62 -11.74
CA ALA A 34 -17.84 -39.50 -10.28
C ALA A 34 -17.82 -38.05 -9.94
N LEU A 35 -17.18 -37.28 -10.83
CA LEU A 35 -16.99 -35.84 -10.66
C LEU A 35 -18.32 -35.12 -10.71
N LEU A 36 -19.15 -35.51 -11.68
CA LEU A 36 -20.51 -34.98 -11.76
C LEU A 36 -21.42 -35.49 -10.62
N GLU A 37 -21.30 -36.79 -10.26
CA GLU A 37 -22.10 -37.34 -9.16
C GLU A 37 -21.74 -36.74 -7.80
N ALA A 38 -20.46 -36.45 -7.58
CA ALA A 38 -20.06 -35.73 -6.39
C ALA A 38 -20.65 -34.33 -6.46
N GLY A 39 -20.46 -33.68 -7.61
CA GLY A 39 -20.95 -32.34 -7.85
C GLY A 39 -20.04 -31.28 -7.24
N PRO A 40 -20.31 -30.00 -7.53
CA PRO A 40 -19.49 -28.96 -6.90
C PRO A 40 -19.56 -28.95 -5.38
N GLY A 41 -18.40 -28.86 -4.74
CA GLY A 41 -18.29 -28.80 -3.29
C GLY A 41 -18.22 -30.18 -2.68
N GLY A 42 -18.08 -31.17 -3.56
CA GLY A 42 -18.07 -32.58 -3.22
C GLY A 42 -16.67 -33.07 -3.47
N VAL A 43 -16.44 -34.38 -3.30
CA VAL A 43 -15.09 -34.97 -3.34
C VAL A 43 -15.00 -36.28 -4.16
N VAL A 44 -13.82 -36.53 -4.72
CA VAL A 44 -13.56 -37.70 -5.60
C VAL A 44 -12.06 -38.03 -5.64
N SER A 53 -11.18 -33.26 -5.18
CA SER A 53 -12.01 -32.12 -4.77
C SER A 53 -12.68 -31.37 -5.94
N VAL A 54 -13.96 -31.67 -6.20
CA VAL A 54 -14.70 -31.13 -7.35
C VAL A 54 -15.20 -29.75 -7.08
N HIS A 55 -15.25 -28.92 -8.11
CA HIS A 55 -15.73 -27.54 -7.98
C HIS A 55 -16.33 -27.01 -9.28
N ARG A 56 -17.25 -26.05 -9.16
CA ARG A 56 -17.73 -25.33 -10.32
C ARG A 56 -17.01 -23.99 -10.39
N PRO A 57 -16.24 -23.74 -11.47
CA PRO A 57 -15.35 -22.57 -11.45
C PRO A 57 -16.05 -21.23 -11.39
N THR A 58 -15.42 -20.36 -10.61
CA THR A 58 -15.73 -18.96 -10.59
C THR A 58 -15.19 -18.43 -11.89
N LEU A 59 -15.67 -17.27 -12.31
CA LEU A 59 -15.16 -16.71 -13.54
C LEU A 59 -13.66 -16.50 -13.33
N GLU A 60 -13.31 -15.99 -12.16
CA GLU A 60 -11.91 -15.85 -11.78
C GLU A 60 -11.03 -17.14 -11.95
N GLU A 61 -11.45 -18.22 -11.33
CA GLU A 61 -10.75 -19.49 -11.49
C GLU A 61 -10.63 -19.87 -12.97
N TYR A 62 -11.71 -19.62 -13.69
CA TYR A 62 -11.75 -19.98 -15.09
C TYR A 62 -10.70 -19.19 -15.89
N LEU A 63 -10.72 -17.86 -15.82
CA LEU A 63 -9.67 -17.03 -16.42
C LEU A 63 -8.27 -17.54 -16.13
N LEU A 64 -8.03 -17.80 -14.85
CA LEU A 64 -6.69 -18.15 -14.40
C LEU A 64 -6.25 -19.51 -14.88
N HIS A 65 -7.17 -20.44 -15.18
CA HIS A 65 -6.75 -21.70 -15.83
C HIS A 65 -7.12 -21.95 -17.30
N MET A 66 -7.64 -20.97 -18.02
CA MET A 66 -8.11 -21.23 -19.39
C MET A 66 -6.95 -21.19 -20.38
N LYS A 67 -7.19 -21.67 -21.60
CA LYS A 67 -6.15 -21.73 -22.65
C LYS A 67 -5.75 -20.33 -23.08
N ARG A 68 -4.51 -19.94 -22.83
CA ARG A 68 -4.12 -18.55 -23.05
C ARG A 68 -3.01 -18.37 -24.10
N SER A 69 -3.23 -17.38 -24.94
CA SER A 69 -2.21 -16.73 -25.74
C SER A 69 -2.11 -15.28 -25.22
N ALA A 70 -2.86 -15.02 -24.16
CA ALA A 70 -3.21 -13.65 -23.76
C ALA A 70 -2.17 -13.00 -22.83
N THR A 71 -2.64 -11.94 -22.15
CA THR A 71 -1.84 -11.08 -21.27
C THR A 71 -1.50 -11.78 -19.92
N PRO A 72 -2.50 -12.35 -19.21
CA PRO A 72 -3.96 -12.37 -19.40
C PRO A 72 -4.65 -11.28 -18.59
N THR A 73 -5.86 -10.87 -18.97
CA THR A 73 -6.52 -9.81 -18.22
C THR A 73 -6.92 -10.44 -16.90
N TYR A 74 -6.50 -9.81 -15.81
CA TYR A 74 -6.71 -10.34 -14.45
C TYR A 74 -8.03 -9.91 -13.86
N PRO A 75 -8.71 -10.81 -13.16
CA PRO A 75 -9.96 -10.52 -12.45
C PRO A 75 -10.01 -9.21 -11.64
N LYS A 76 -8.93 -8.85 -10.94
CA LYS A 76 -8.93 -7.61 -10.15
C LYS A 76 -9.03 -6.38 -11.03
N ASP A 77 -8.37 -6.43 -12.20
CA ASP A 77 -8.42 -5.37 -13.21
C ASP A 77 -9.75 -5.33 -13.96
N ALA A 78 -10.22 -6.47 -14.44
CA ALA A 78 -11.48 -6.50 -15.16
C ALA A 78 -12.68 -6.01 -14.30
N SER A 79 -12.72 -6.41 -13.02
CA SER A 79 -13.73 -5.89 -12.10
C SER A 79 -13.75 -4.36 -12.04
N ALA A 80 -12.60 -3.75 -11.73
CA ALA A 80 -12.47 -2.30 -11.65
C ALA A 80 -12.80 -1.59 -13.00
N MET A 81 -12.41 -2.24 -14.10
CA MET A 81 -12.81 -1.73 -15.42
C MET A 81 -14.33 -1.74 -15.59
N VAL A 82 -15.01 -2.84 -15.25
CA VAL A 82 -16.47 -2.79 -15.30
C VAL A 82 -17.04 -1.69 -14.39
N THR A 83 -16.42 -1.44 -13.23
CA THR A 83 -16.94 -0.43 -12.34
C THR A 83 -16.72 1.01 -12.88
N LEU A 84 -15.60 1.27 -13.55
CA LEU A 84 -15.36 2.61 -14.09
C LEU A 84 -16.24 2.97 -15.31
N LEU A 85 -16.49 1.93 -16.11
CA LEU A 85 -17.31 2.00 -17.29
C LEU A 85 -18.77 2.30 -16.90
N ASP A 86 -19.04 2.21 -15.60
CA ASP A 86 -20.39 2.25 -15.04
C ASP A 86 -21.36 1.35 -15.77
N LEU A 87 -20.91 0.17 -16.17
CA LEU A 87 -21.75 -0.76 -16.89
C LEU A 87 -22.88 -1.25 -16.00
N ALA A 88 -24.11 -1.21 -16.54
CA ALA A 88 -25.31 -1.73 -15.91
C ALA A 88 -25.98 -2.73 -16.86
N PRO A 89 -27.09 -3.37 -16.47
CA PRO A 89 -27.68 -4.31 -17.44
C PRO A 89 -28.33 -3.59 -18.61
N GLY A 90 -28.41 -4.27 -19.75
CA GLY A 90 -28.99 -3.71 -20.97
C GLY A 90 -28.17 -2.77 -21.82
N MET A 91 -26.98 -2.38 -21.37
CA MET A 91 -26.14 -1.41 -22.10
C MET A 91 -25.34 -2.03 -23.25
N ARG A 92 -24.77 -1.14 -24.07
CA ARG A 92 -23.90 -1.54 -25.17
C ARG A 92 -22.45 -1.14 -24.85
N VAL A 93 -21.57 -2.11 -24.99
CA VAL A 93 -20.19 -1.89 -24.64
C VAL A 93 -19.27 -2.37 -25.74
N LEU A 94 -18.33 -1.50 -26.06
CA LEU A 94 -17.50 -1.70 -27.22
C LEU A 94 -16.20 -2.22 -26.68
N GLU A 95 -15.70 -3.34 -27.20
CA GLU A 95 -14.47 -3.93 -26.64
C GLU A 95 -13.37 -4.17 -27.64
N ALA A 96 -12.18 -3.75 -27.28
CA ALA A 96 -11.01 -4.14 -28.03
C ALA A 96 -9.84 -4.35 -27.07
N GLY A 97 -8.83 -5.11 -27.45
CA GLY A 97 -8.88 -5.96 -28.61
C GLY A 97 -8.79 -7.33 -28.02
N THR A 98 -7.53 -7.66 -27.75
CA THR A 98 -6.96 -9.00 -27.67
C THR A 98 -7.71 -10.09 -26.86
N GLY A 99 -7.04 -11.23 -26.76
CA GLY A 99 -7.62 -12.37 -26.14
C GLY A 99 -7.47 -12.39 -24.62
N SER A 100 -8.03 -13.42 -24.00
CA SER A 100 -8.83 -14.40 -24.75
C SER A 100 -10.19 -14.47 -24.14
N GLY A 101 -11.01 -13.49 -24.47
CA GLY A 101 -12.34 -13.47 -23.91
C GLY A 101 -12.37 -13.21 -22.41
N GLY A 102 -11.20 -13.05 -21.79
CA GLY A 102 -11.13 -12.71 -20.39
C GLY A 102 -11.89 -11.44 -20.08
N LEU A 103 -11.49 -10.33 -20.66
CA LEU A 103 -12.19 -9.09 -20.38
C LEU A 103 -13.65 -9.17 -20.89
N THR A 104 -13.81 -9.84 -22.03
CA THR A 104 -15.11 -9.94 -22.73
C THR A 104 -16.19 -10.60 -21.86
N LEU A 105 -15.77 -11.56 -21.04
CA LEU A 105 -16.74 -12.28 -20.20
C LEU A 105 -17.23 -11.38 -19.07
N PHE A 106 -16.31 -10.65 -18.43
CA PHE A 106 -16.70 -9.75 -17.35
C PHE A 106 -17.69 -8.72 -17.87
N LEU A 107 -17.37 -8.16 -19.03
CA LEU A 107 -18.30 -7.28 -19.73
C LEU A 107 -19.66 -7.96 -20.05
N ALA A 108 -19.58 -9.14 -20.67
CA ALA A 108 -20.74 -10.00 -20.90
C ALA A 108 -21.68 -10.15 -19.69
N ARG A 109 -21.19 -10.53 -18.50
CA ARG A 109 -22.06 -10.54 -17.30
C ARG A 109 -22.56 -9.14 -16.87
N ALA A 110 -21.69 -8.15 -16.92
CA ALA A 110 -22.12 -6.82 -16.54
C ALA A 110 -23.33 -6.34 -17.33
N VAL A 111 -23.32 -6.49 -18.66
CA VAL A 111 -24.43 -5.93 -19.42
C VAL A 111 -25.52 -6.95 -19.48
N GLY A 112 -25.07 -8.20 -19.62
CA GLY A 112 -25.93 -9.37 -19.62
C GLY A 112 -27.27 -9.29 -20.32
N GLU A 113 -28.15 -10.24 -20.01
CA GLU A 113 -29.52 -10.28 -20.53
C GLU A 113 -29.55 -9.98 -22.04
N LYS A 114 -29.81 -8.73 -22.44
CA LYS A 114 -29.35 -8.26 -23.74
C LYS A 114 -29.07 -6.76 -23.74
N GLY A 115 -28.13 -6.37 -22.90
CA GLY A 115 -27.16 -5.36 -23.26
C GLY A 115 -26.20 -6.11 -24.18
N LEU A 116 -25.20 -5.44 -24.70
CA LEU A 116 -24.44 -6.03 -25.79
C LEU A 116 -22.96 -5.74 -25.69
N VAL A 117 -22.16 -6.76 -26.04
CA VAL A 117 -20.72 -6.63 -26.09
C VAL A 117 -20.33 -6.83 -27.51
N GLU A 118 -19.78 -5.80 -28.12
CA GLU A 118 -19.23 -5.92 -29.45
C GLU A 118 -17.74 -5.95 -29.35
N SER A 119 -17.16 -7.14 -29.40
CA SER A 119 -15.76 -7.26 -29.15
C SER A 119 -15.08 -7.32 -30.46
N TYR A 120 -14.08 -6.47 -30.61
CA TYR A 120 -13.21 -6.47 -31.76
C TYR A 120 -11.85 -7.12 -31.43
N GLU A 121 -11.41 -8.09 -32.24
CA GLU A 121 -10.02 -8.58 -32.17
C GLU A 121 -9.47 -8.57 -33.58
N ALA A 122 -8.20 -8.18 -33.68
CA ALA A 122 -7.49 -8.09 -34.96
C ALA A 122 -6.90 -9.44 -35.43
N ARG A 123 -6.18 -10.14 -34.56
CA ARG A 123 -5.46 -11.35 -34.93
C ARG A 123 -6.41 -12.57 -34.84
N PRO A 124 -6.48 -13.38 -35.93
CA PRO A 124 -7.61 -14.31 -36.11
C PRO A 124 -7.60 -15.60 -35.27
N HIS A 125 -6.43 -16.20 -35.02
CA HIS A 125 -6.44 -17.39 -34.18
C HIS A 125 -6.59 -17.01 -32.69
N HIS A 126 -6.20 -15.79 -32.32
CA HIS A 126 -6.48 -15.25 -30.98
C HIS A 126 -7.94 -14.99 -30.74
N LEU A 127 -8.59 -14.40 -31.74
CA LEU A 127 -10.06 -14.25 -31.76
C LEU A 127 -10.72 -15.62 -31.63
N ALA A 128 -10.29 -16.56 -32.47
CA ALA A 128 -10.78 -17.94 -32.41
C ALA A 128 -10.72 -18.52 -31.00
N GLN A 129 -9.51 -18.57 -30.46
CA GLN A 129 -9.29 -19.07 -29.13
C GLN A 129 -10.21 -18.42 -28.09
N ALA A 130 -10.33 -17.10 -28.17
CA ALA A 130 -11.23 -16.32 -27.30
C ALA A 130 -12.71 -16.66 -27.43
N GLU A 131 -13.20 -16.79 -28.66
CA GLU A 131 -14.61 -17.14 -28.84
C GLU A 131 -14.79 -18.49 -28.17
N ARG A 132 -13.85 -19.41 -28.36
CA ARG A 132 -13.96 -20.71 -27.70
C ARG A 132 -14.02 -20.53 -26.17
N ASN A 133 -13.06 -19.77 -25.64
CA ASN A 133 -12.98 -19.57 -24.20
C ASN A 133 -14.30 -19.05 -23.67
N VAL A 134 -14.76 -17.95 -24.24
CA VAL A 134 -15.98 -17.34 -23.76
C VAL A 134 -17.18 -18.28 -23.90
N ARG A 135 -17.30 -18.91 -25.07
CA ARG A 135 -18.51 -19.64 -25.41
C ARG A 135 -18.64 -20.85 -24.52
N ALA A 136 -17.52 -21.43 -24.10
CA ALA A 136 -17.62 -22.60 -23.18
C ALA A 136 -18.09 -22.27 -21.76
N PHE A 137 -17.77 -21.08 -21.26
CA PHE A 137 -18.15 -20.70 -19.92
C PHE A 137 -19.51 -20.01 -19.93
N TRP A 138 -19.64 -19.06 -20.85
CA TRP A 138 -20.82 -18.21 -20.95
C TRP A 138 -21.67 -18.64 -22.14
N GLN A 139 -22.89 -19.08 -21.84
CA GLN A 139 -23.73 -19.76 -22.81
C GLN A 139 -24.78 -18.79 -23.37
N VAL A 140 -25.01 -17.66 -22.71
CA VAL A 140 -25.81 -16.57 -23.29
C VAL A 140 -25.17 -16.08 -24.59
N GLU A 141 -25.89 -15.26 -25.35
CA GLU A 141 -25.39 -14.83 -26.66
C GLU A 141 -25.58 -13.34 -26.79
N ASN A 142 -24.99 -12.60 -25.85
CA ASN A 142 -24.98 -11.14 -25.87
C ASN A 142 -23.64 -10.54 -26.30
N VAL A 143 -22.77 -11.38 -26.87
CA VAL A 143 -21.48 -10.91 -27.33
C VAL A 143 -21.40 -11.02 -28.84
N ARG A 144 -21.29 -9.90 -29.57
CA ARG A 144 -21.01 -9.99 -31.03
C ARG A 144 -19.52 -9.81 -31.28
N PHE A 145 -18.97 -10.79 -31.99
CA PHE A 145 -17.55 -10.82 -32.27
C PHE A 145 -17.24 -10.28 -33.66
N HIS A 146 -16.23 -9.42 -33.71
CA HIS A 146 -15.77 -8.80 -34.96
C HIS A 146 -14.26 -8.98 -35.15
N LEU A 147 -13.87 -9.53 -36.29
CA LEU A 147 -12.46 -9.57 -36.68
C LEU A 147 -12.07 -8.30 -37.49
N GLY A 148 -11.03 -7.61 -37.05
CA GLY A 148 -10.58 -6.42 -37.75
C GLY A 148 -10.33 -5.31 -36.77
N LYS A 149 -9.43 -4.38 -37.12
CA LYS A 149 -9.06 -3.37 -36.16
C LYS A 149 -10.31 -2.53 -35.90
N LEU A 150 -10.35 -1.91 -34.72
CA LEU A 150 -11.51 -1.14 -34.35
C LEU A 150 -11.60 0.11 -35.24
N GLU A 151 -10.47 0.69 -35.64
CA GLU A 151 -10.47 1.92 -36.44
C GLU A 151 -10.91 1.74 -37.90
N GLU A 152 -10.99 0.48 -38.33
CA GLU A 152 -11.50 0.20 -39.65
C GLU A 152 -13.04 0.18 -39.58
N ALA A 153 -13.58 -0.33 -38.45
CA ALA A 153 -15.03 -0.57 -38.23
C ALA A 153 -15.96 0.63 -38.38
N GLU A 154 -17.23 0.37 -38.71
CA GLU A 154 -18.21 1.43 -38.80
C GLU A 154 -19.31 1.20 -37.77
N LEU A 155 -19.57 2.26 -37.02
CA LEU A 155 -20.50 2.21 -35.90
C LEU A 155 -21.22 3.54 -35.76
N GLU A 156 -22.46 3.48 -35.28
CA GLU A 156 -23.26 4.68 -35.00
C GLU A 156 -22.59 5.66 -34.11
N GLU A 157 -22.81 6.94 -34.39
CA GLU A 157 -22.34 7.92 -33.45
C GLU A 157 -23.25 7.79 -32.24
N ALA A 158 -22.69 8.10 -31.07
CA ALA A 158 -23.38 8.16 -29.78
C ALA A 158 -24.33 6.97 -29.52
N ALA A 159 -23.90 5.78 -29.92
CA ALA A 159 -24.69 4.57 -29.72
C ALA A 159 -24.15 3.64 -28.63
N TYR A 160 -23.07 4.00 -27.95
CA TYR A 160 -22.49 3.09 -27.00
C TYR A 160 -22.32 3.68 -25.60
N ASP A 161 -22.49 2.79 -24.62
CA ASP A 161 -22.60 3.18 -23.23
C ASP A 161 -21.24 3.19 -22.58
N GLY A 162 -20.29 2.55 -23.24
CA GLY A 162 -18.91 2.60 -22.81
C GLY A 162 -17.99 1.85 -23.75
N VAL A 163 -16.75 2.29 -23.77
CA VAL A 163 -15.72 1.66 -24.58
C VAL A 163 -14.57 1.14 -23.69
N ALA A 164 -14.28 -0.16 -23.81
CA ALA A 164 -13.23 -0.79 -23.04
C ALA A 164 -12.09 -1.26 -23.96
N LEU A 165 -10.88 -0.81 -23.67
CA LEU A 165 -9.76 -1.10 -24.54
C LEU A 165 -8.69 -1.75 -23.75
N ALA A 166 -8.08 -2.73 -24.39
CA ALA A 166 -6.99 -3.49 -23.83
C ALA A 166 -5.98 -3.62 -24.96
N LEU A 167 -5.63 -2.47 -25.52
CA LEU A 167 -4.71 -2.37 -26.65
C LEU A 167 -3.40 -1.73 -26.21
N MET A 168 -2.31 -2.20 -26.82
CA MET A 168 -0.97 -1.66 -26.64
C MET A 168 -0.82 -0.24 -27.19
N GLU A 169 -1.70 0.13 -28.13
CA GLU A 169 -1.69 1.46 -28.75
C GLU A 169 -3.12 2.00 -28.86
N PRO A 170 -3.76 2.26 -27.70
CA PRO A 170 -5.17 2.67 -27.66
C PRO A 170 -5.48 4.01 -28.36
N TRP A 171 -4.48 4.88 -28.46
CA TRP A 171 -4.69 6.25 -28.94
C TRP A 171 -5.14 6.26 -30.40
N LYS A 172 -4.87 5.19 -31.14
CA LYS A 172 -5.33 5.04 -32.52
C LYS A 172 -6.86 5.11 -32.65
N VAL A 173 -7.56 4.27 -31.89
CA VAL A 173 -9.02 4.23 -31.92
C VAL A 173 -9.72 5.41 -31.25
N LEU A 174 -8.99 6.28 -30.56
CA LEU A 174 -9.57 7.51 -29.99
C LEU A 174 -10.57 8.26 -30.87
N GLU A 175 -10.30 8.35 -32.16
CA GLU A 175 -11.24 9.04 -33.00
C GLU A 175 -12.52 8.27 -32.97
N LYS A 176 -12.47 7.00 -33.39
CA LYS A 176 -13.70 6.20 -33.39
C LYS A 176 -14.38 6.16 -32.00
N ALA A 177 -13.58 6.06 -30.96
CA ALA A 177 -14.11 5.96 -29.64
C ALA A 177 -14.94 7.20 -29.26
N ALA A 178 -14.40 8.41 -29.47
CA ALA A 178 -15.20 9.63 -29.28
C ALA A 178 -16.44 9.64 -30.19
N LEU A 179 -16.31 9.10 -31.37
CA LEU A 179 -17.46 8.99 -32.25
C LEU A 179 -18.58 8.07 -31.73
N ALA A 180 -18.23 6.88 -31.25
CA ALA A 180 -19.24 5.87 -31.01
C ALA A 180 -19.80 5.97 -29.62
N LEU A 181 -19.22 6.86 -28.84
CA LEU A 181 -19.45 6.93 -27.42
C LEU A 181 -20.38 8.06 -27.05
N LYS A 182 -21.52 7.68 -26.47
CA LYS A 182 -22.50 8.63 -25.92
C LYS A 182 -21.87 9.69 -24.99
N PRO A 183 -22.39 10.91 -25.04
CA PRO A 183 -21.72 11.87 -24.16
C PRO A 183 -21.84 11.54 -22.68
N ASP A 184 -20.81 11.98 -21.97
CA ASP A 184 -20.75 11.81 -20.53
C ASP A 184 -20.53 10.35 -20.12
N ARG A 185 -20.11 9.53 -21.08
CA ARG A 185 -19.69 8.16 -20.80
C ARG A 185 -18.18 7.96 -20.93
N PHE A 186 -17.73 6.78 -20.51
CA PHE A 186 -16.31 6.54 -20.42
C PHE A 186 -15.73 5.56 -21.43
N LEU A 187 -14.47 5.82 -21.65
CA LEU A 187 -13.58 4.91 -22.29
C LEU A 187 -12.53 4.53 -21.24
N VAL A 188 -12.30 3.24 -21.10
CA VAL A 188 -11.40 2.74 -20.10
C VAL A 188 -10.35 1.86 -20.76
N ALA A 189 -9.11 2.35 -20.71
CA ALA A 189 -7.98 1.61 -21.26
C ALA A 189 -7.25 0.84 -20.19
N TYR A 190 -6.72 -0.29 -20.62
CA TYR A 190 -5.85 -1.07 -19.78
C TYR A 190 -4.43 -1.03 -20.36
N LEU A 191 -3.48 -0.51 -19.56
CA LEU A 191 -2.08 -0.37 -20.02
C LEU A 191 -1.04 -0.73 -18.98
N PRO A 192 -0.15 -1.66 -19.31
CA PRO A 192 0.93 -2.04 -18.40
C PRO A 192 1.94 -0.94 -18.09
N ASN A 193 2.42 -0.27 -19.12
CA ASN A 193 3.44 0.73 -18.95
C ASN A 193 2.92 2.18 -18.75
N ILE A 194 3.54 2.87 -17.80
CA ILE A 194 3.09 4.19 -17.42
C ILE A 194 3.34 5.09 -18.59
N THR A 195 4.31 4.69 -19.40
CA THR A 195 4.74 5.47 -20.54
C THR A 195 3.66 5.50 -21.61
N GLN A 196 3.00 4.37 -21.79
CA GLN A 196 1.82 4.24 -22.64
C GLN A 196 0.61 5.05 -22.12
N VAL A 197 0.46 5.04 -20.80
CA VAL A 197 -0.55 5.88 -20.16
C VAL A 197 -0.33 7.38 -20.39
N LEU A 198 0.89 7.86 -20.20
CA LEU A 198 1.18 9.24 -20.57
C LEU A 198 0.83 9.48 -22.06
N GLU A 199 1.31 8.63 -22.98
CA GLU A 199 1.02 8.87 -24.41
C GLU A 199 -0.49 8.94 -24.72
N LEU A 200 -1.31 8.13 -24.06
CA LEU A 200 -2.77 8.26 -24.17
C LEU A 200 -3.24 9.60 -23.67
N VAL A 201 -2.86 9.95 -22.44
CA VAL A 201 -3.30 11.22 -21.88
C VAL A 201 -2.97 12.41 -22.78
N ARG A 202 -1.76 12.50 -23.33
CA ARG A 202 -1.49 13.56 -24.34
C ARG A 202 -2.36 13.38 -25.59
N ALA A 203 -2.39 12.18 -26.17
CA ALA A 203 -3.19 11.95 -27.37
C ALA A 203 -4.64 12.31 -27.18
N ALA A 204 -5.14 12.10 -25.96
CA ALA A 204 -6.54 12.33 -25.65
C ALA A 204 -6.89 13.82 -25.59
N GLU A 205 -5.87 14.67 -25.52
CA GLU A 205 -6.08 16.10 -25.45
C GLU A 205 -6.61 16.65 -26.78
N ALA A 206 -6.38 15.91 -27.86
CA ALA A 206 -6.87 16.29 -29.19
C ALA A 206 -8.15 15.54 -29.56
N HIS A 207 -9.03 15.33 -28.59
CA HIS A 207 -10.34 14.75 -28.84
C HIS A 207 -11.20 15.22 -27.69
N PRO A 208 -12.52 15.21 -27.89
CA PRO A 208 -13.48 15.60 -26.86
C PRO A 208 -13.55 14.55 -25.77
N PHE A 209 -12.47 14.47 -24.99
CA PHE A 209 -12.32 13.56 -23.85
C PHE A 209 -11.68 14.34 -22.72
N ARG A 210 -12.32 14.32 -21.57
CA ARG A 210 -11.77 14.91 -20.37
C ARG A 210 -11.17 13.77 -19.50
N LEU A 211 -9.89 13.90 -19.08
CA LEU A 211 -9.22 12.84 -18.32
C LEU A 211 -9.83 12.69 -16.93
N GLU A 212 -10.44 11.53 -16.63
CA GLU A 212 -11.20 11.38 -15.40
C GLU A 212 -10.42 10.66 -14.33
N ARG A 213 -9.80 9.53 -14.67
CA ARG A 213 -9.03 8.77 -13.69
C ARG A 213 -7.82 8.02 -14.23
N VAL A 214 -6.77 8.00 -13.43
CA VAL A 214 -5.65 7.05 -13.64
C VAL A 214 -5.38 6.22 -12.39
N LEU A 215 -5.75 4.93 -12.37
CA LEU A 215 -5.38 4.15 -11.19
C LEU A 215 -4.70 2.84 -11.45
N GLU A 216 -4.11 2.39 -10.36
CA GLU A 216 -3.48 1.11 -10.19
C GLU A 216 -4.37 0.25 -9.28
N VAL A 217 -4.86 -0.90 -9.74
CA VAL A 217 -5.61 -1.77 -8.84
C VAL A 217 -4.61 -2.74 -8.19
N GLY A 218 -4.82 -3.06 -6.92
CA GLY A 218 -4.03 -4.06 -6.22
C GLY A 218 -4.83 -4.86 -5.21
N TRP A 219 -4.66 -6.19 -5.26
CA TRP A 219 -5.29 -7.07 -4.26
C TRP A 219 -4.20 -7.70 -3.40
N ARG A 220 -4.30 -7.42 -2.11
CA ARG A 220 -3.27 -7.79 -1.17
C ARG A 220 -3.74 -9.07 -0.50
N GLU A 221 -3.30 -10.20 -1.05
CA GLU A 221 -3.63 -11.48 -0.47
C GLU A 221 -2.87 -11.64 0.84
N TRP A 222 -3.55 -12.30 1.77
CA TRP A 222 -2.99 -12.74 3.03
C TRP A 222 -2.92 -14.26 3.07
N GLU A 223 -1.83 -14.76 3.64
CA GLU A 223 -1.71 -16.15 4.00
C GLU A 223 -2.26 -16.26 5.40
N VAL A 224 -3.38 -16.99 5.52
CA VAL A 224 -3.87 -17.43 6.82
C VAL A 224 -3.87 -18.97 6.92
N ARG A 225 -2.91 -19.42 7.71
CA ARG A 225 -2.75 -20.83 7.98
C ARG A 225 -2.37 -20.80 9.49
N LEU A 226 -3.36 -20.38 10.27
CA LEU A 226 -3.20 -20.11 11.71
C LEU A 226 -2.34 -21.14 12.41
N PRO A 227 -1.44 -20.69 13.32
CA PRO A 227 -1.21 -19.30 13.73
C PRO A 227 -0.44 -18.41 12.73
N VAL A 228 -0.12 -18.86 11.52
CA VAL A 228 0.56 -17.97 10.55
C VAL A 228 -0.52 -17.08 9.98
N ALA A 229 -0.21 -15.78 9.85
CA ALA A 229 -1.17 -14.82 9.38
C ALA A 229 -0.51 -13.51 8.96
N HIS A 230 -0.11 -13.46 7.70
CA HIS A 230 0.64 -12.29 7.20
C HIS A 230 0.24 -12.05 5.77
N PRO A 231 0.38 -10.81 5.30
CA PRO A 231 0.26 -10.61 3.86
C PRO A 231 1.26 -11.47 3.16
N ARG A 232 0.79 -12.16 2.13
CA ARG A 232 1.57 -13.09 1.34
C ARG A 232 2.94 -12.52 0.92
N PHE A 233 3.94 -13.41 0.94
CA PHE A 233 5.33 -13.00 0.74
C PHE A 233 5.59 -12.54 -0.69
N GLN A 234 5.10 -13.29 -1.66
CA GLN A 234 5.16 -12.89 -3.08
C GLN A 234 3.80 -12.36 -3.59
N GLN A 235 3.85 -11.16 -4.18
CA GLN A 235 2.66 -10.36 -4.50
C GLN A 235 2.51 -10.11 -6.01
N VAL A 236 1.28 -9.94 -6.49
CA VAL A 236 1.06 -9.36 -7.82
C VAL A 236 1.18 -7.83 -7.65
N GLY A 237 2.39 -7.32 -7.90
CA GLY A 237 2.72 -5.92 -7.68
C GLY A 237 2.23 -5.14 -8.90
N HIS A 238 0.91 -5.16 -9.11
CA HIS A 238 0.22 -4.57 -10.29
C HIS A 238 0.49 -5.32 -11.60
N THR A 239 -0.63 -5.51 -12.32
CA THR A 239 -0.67 -6.03 -13.66
C THR A 239 -0.68 -4.90 -14.73
N ALA A 240 -1.35 -3.81 -14.41
CA ALA A 240 -1.51 -2.68 -15.33
C ALA A 240 -2.12 -1.45 -14.67
N PHE A 241 -2.01 -0.33 -15.38
CA PHE A 241 -2.81 0.87 -15.13
C PHE A 241 -4.15 0.85 -15.85
N LEU A 242 -5.19 1.33 -15.16
CA LEU A 242 -6.44 1.66 -15.84
C LEU A 242 -6.56 3.15 -16.12
N VAL A 243 -6.82 3.48 -17.39
CA VAL A 243 -7.05 4.88 -17.81
C VAL A 243 -8.53 5.10 -18.09
N ALA A 244 -9.08 6.21 -17.58
CA ALA A 244 -10.49 6.55 -17.85
C ALA A 244 -10.73 7.96 -18.34
N LEU A 245 -11.23 8.03 -19.56
CA LEU A 245 -11.62 9.28 -20.17
C LEU A 245 -13.14 9.38 -20.18
N ARG A 246 -13.68 10.58 -19.93
CA ARG A 246 -15.13 10.87 -20.05
C ARG A 246 -15.39 11.73 -21.25
N ARG A 247 -16.42 11.38 -22.01
CA ARG A 247 -16.76 12.04 -23.28
C ARG A 247 -17.65 13.23 -23.03
N TRP A 248 -17.07 14.44 -23.06
CA TRP A 248 -17.87 15.67 -22.95
C TRP A 248 -18.25 16.03 -24.38
N LYS A 249 -19.32 16.83 -24.50
CA LYS A 249 -19.99 17.07 -25.78
C LYS A 249 -19.17 18.01 -26.69
N GLY A 250 -18.95 17.55 -27.93
CA GLY A 250 -18.10 18.21 -28.93
C GLY A 250 -18.05 17.45 -30.27
N GLY B 1 18.10 21.78 23.49
CA GLY B 1 17.31 20.87 22.66
C GLY B 1 15.80 21.19 22.68
N PRO B 2 15.12 21.08 21.50
CA PRO B 2 13.67 21.32 21.40
C PRO B 2 12.89 20.26 22.10
N LEU B 3 11.58 20.40 22.08
CA LEU B 3 10.70 19.50 22.84
C LEU B 3 9.41 19.25 22.10
N LEU B 4 9.00 17.99 22.09
CA LEU B 4 7.72 17.62 21.50
C LEU B 4 6.71 17.35 22.61
N LEU B 5 5.54 18.02 22.57
CA LEU B 5 4.46 17.77 23.55
C LEU B 5 3.24 17.11 22.94
N LYS B 6 2.70 16.07 23.59
CA LYS B 6 1.49 15.36 23.10
C LYS B 6 0.32 15.43 24.09
N ASP B 7 -0.91 15.67 23.61
CA ASP B 7 -2.13 15.52 24.45
C ASP B 7 -2.76 14.10 24.31
N ARG B 8 -3.77 13.77 25.13
CA ARG B 8 -4.36 12.41 25.15
C ARG B 8 -5.04 12.10 23.80
N LYS B 9 -5.45 13.15 23.09
CA LYS B 9 -6.00 13.02 21.74
C LYS B 9 -4.94 12.52 20.73
N GLY B 10 -3.66 12.64 21.08
CA GLY B 10 -2.55 12.20 20.25
C GLY B 10 -1.80 13.34 19.57
N ARG B 11 -2.52 14.45 19.38
CA ARG B 11 -1.98 15.69 18.83
C ARG B 11 -0.63 15.98 19.44
N ALA B 12 0.36 16.33 18.60
CA ALA B 12 1.70 16.65 19.06
C ALA B 12 2.07 18.10 18.72
N TYR B 13 2.95 18.67 19.51
CA TYR B 13 3.41 20.05 19.30
C TYR B 13 4.90 20.09 19.42
N LEU B 14 5.50 21.01 18.71
CA LEU B 14 6.92 21.25 18.87
C LEU B 14 7.10 22.59 19.65
N VAL B 15 8.00 22.55 20.62
CA VAL B 15 8.27 23.70 21.48
C VAL B 15 9.79 23.88 21.51
N PHE B 16 10.23 25.14 21.50
CA PHE B 16 11.64 25.45 21.68
C PHE B 16 11.85 26.15 23.02
N PRO B 17 12.37 25.43 24.04
CA PRO B 17 12.49 26.14 25.33
C PRO B 17 13.25 27.44 25.13
N LYS B 18 12.57 28.52 25.51
CA LYS B 18 13.09 29.87 25.42
C LYS B 18 12.97 30.44 26.82
N GLU B 19 13.77 31.47 27.07
CA GLU B 19 13.81 32.12 28.38
C GLU B 19 12.38 32.53 28.81
N GLY B 20 11.84 31.84 29.80
CA GLY B 20 10.54 32.20 30.36
C GLY B 20 9.38 32.12 29.38
N GLY B 21 9.43 31.19 28.43
CA GLY B 21 8.33 31.04 27.50
C GLY B 21 7.14 30.42 28.17
N VAL B 22 5.98 30.49 27.55
CA VAL B 22 4.85 29.71 28.01
C VAL B 22 4.12 29.07 26.81
N PHE B 23 3.72 27.81 26.98
CA PHE B 23 3.06 27.03 25.92
C PHE B 23 1.52 26.97 26.12
N HIS B 24 0.78 27.32 25.06
CA HIS B 24 -0.67 27.38 25.14
C HIS B 24 -1.31 26.29 24.28
N HIS B 25 -2.05 25.42 24.96
CA HIS B 25 -2.75 24.33 24.35
C HIS B 25 -4.12 24.40 24.99
N HIS B 26 -4.92 25.33 24.47
CA HIS B 26 -6.32 25.58 24.82
C HIS B 26 -6.35 27.02 25.33
N LYS B 27 -6.90 27.20 26.52
CA LYS B 27 -6.90 28.49 27.21
C LYS B 27 -5.98 28.35 28.43
N GLY B 28 -5.08 27.36 28.35
CA GLY B 28 -4.22 27.03 29.47
C GLY B 28 -2.74 27.05 29.22
N SER B 29 -2.04 27.97 29.89
CA SER B 29 -0.60 28.14 29.69
C SER B 29 0.24 27.12 30.48
N VAL B 30 1.37 26.73 29.92
CA VAL B 30 2.36 25.97 30.67
C VAL B 30 3.74 26.65 30.68
N PRO B 31 4.25 27.01 31.87
CA PRO B 31 5.63 27.51 31.94
C PRO B 31 6.67 26.46 31.52
N HIS B 32 7.66 26.94 30.79
CA HIS B 32 8.69 26.13 30.11
C HIS B 32 9.52 25.36 31.08
N GLU B 33 9.67 25.97 32.24
CA GLU B 33 10.30 25.31 33.33
C GLU B 33 9.72 23.93 33.67
N ALA B 34 8.38 23.85 33.74
CA ALA B 34 7.68 22.58 34.05
C ALA B 34 7.99 21.57 32.97
N LEU B 35 8.06 22.04 31.74
CA LEU B 35 8.43 21.17 30.64
C LEU B 35 9.82 20.62 30.86
N LEU B 36 10.75 21.50 31.24
CA LEU B 36 12.13 21.09 31.38
C LEU B 36 12.39 20.22 32.63
N GLU B 37 11.82 20.64 33.76
CA GLU B 37 11.76 19.83 34.98
C GLU B 37 11.07 18.45 34.84
N ALA B 38 9.97 18.36 34.09
CA ALA B 38 9.32 17.09 33.70
C ALA B 38 10.25 16.18 32.92
N GLY B 39 10.88 16.75 31.89
CA GLY B 39 11.93 16.07 31.16
C GLY B 39 11.34 15.07 30.17
N PRO B 40 12.11 14.73 29.10
CA PRO B 40 11.69 13.59 28.27
C PRO B 40 11.17 12.39 29.12
N GLY B 41 9.91 12.01 28.88
CA GLY B 41 9.27 10.89 29.55
C GLY B 41 8.04 11.19 30.41
N GLY B 42 7.88 12.44 30.85
CA GLY B 42 6.91 12.79 31.88
C GLY B 42 5.82 13.76 31.49
N VAL B 43 4.95 14.06 32.46
CA VAL B 43 3.73 14.84 32.19
C VAL B 43 3.71 16.26 32.77
N VAL B 44 2.90 17.12 32.18
CA VAL B 44 2.79 18.49 32.64
C VAL B 44 1.29 18.88 32.55
N ARG B 45 0.77 19.79 33.41
CA ARG B 45 -0.63 20.22 33.28
C ARG B 45 -0.75 21.71 32.92
N THR B 46 -1.83 22.05 32.22
CA THR B 46 -1.93 23.38 31.63
C THR B 46 -2.61 24.35 32.57
N HIS B 47 -2.54 24.08 33.87
CA HIS B 47 -3.09 24.97 34.88
C HIS B 47 -4.62 25.00 34.75
N LEU B 48 -5.16 24.15 33.87
CA LEU B 48 -6.61 24.00 33.71
C LEU B 48 -7.21 22.61 34.03
N GLY B 49 -6.48 21.50 34.20
CA GLY B 49 -5.09 21.29 33.92
C GLY B 49 -5.11 19.92 33.26
N GLU B 50 -4.75 19.98 31.98
CA GLU B 50 -4.77 18.89 31.01
C GLU B 50 -3.44 18.19 31.07
N GLU B 51 -3.41 16.88 31.27
CA GLU B 51 -2.15 16.16 31.17
C GLU B 51 -1.59 16.32 29.73
N LEU B 52 -0.28 16.50 29.64
CA LEU B 52 0.46 16.66 28.39
C LEU B 52 1.84 15.94 28.52
N SER B 53 2.14 15.03 27.61
CA SER B 53 3.38 14.30 27.72
C SER B 53 4.48 15.10 27.04
N VAL B 54 5.60 15.20 27.76
CA VAL B 54 6.85 15.78 27.26
C VAL B 54 7.77 14.68 26.63
N HIS B 55 8.29 14.97 25.44
CA HIS B 55 9.24 14.08 24.80
C HIS B 55 10.39 14.84 24.14
N ARG B 56 11.57 14.24 24.12
CA ARG B 56 12.57 14.70 23.21
C ARG B 56 12.08 14.12 21.90
N PRO B 57 12.07 14.94 20.83
CA PRO B 57 11.58 14.46 19.54
C PRO B 57 12.58 13.56 18.83
N THR B 58 12.01 12.54 18.23
CA THR B 58 12.85 11.71 17.41
C THR B 58 13.03 12.52 16.15
N LEU B 59 14.16 12.29 15.50
CA LEU B 59 14.45 12.98 14.25
C LEU B 59 13.24 12.99 13.32
N GLU B 60 12.72 11.79 13.06
CA GLU B 60 11.43 11.63 12.40
C GLU B 60 10.31 12.53 12.98
N GLU B 61 10.10 12.52 14.30
CA GLU B 61 8.97 13.24 14.91
C GLU B 61 9.11 14.72 14.66
N TYR B 62 10.37 15.17 14.63
CA TYR B 62 10.70 16.57 14.41
C TYR B 62 10.39 16.99 12.98
N LEU B 63 10.85 16.23 12.00
CA LEU B 63 10.52 16.55 10.62
C LEU B 63 8.99 16.76 10.37
N LEU B 64 8.13 15.95 11.00
CA LEU B 64 6.69 15.97 10.66
C LEU B 64 5.94 17.10 11.35
N HIS B 65 6.50 17.61 12.43
CA HIS B 65 5.88 18.69 13.19
C HIS B 65 6.51 20.08 12.99
N MET B 66 7.80 20.16 12.62
CA MET B 66 8.36 21.45 12.24
C MET B 66 7.46 22.07 11.17
N LYS B 67 7.45 23.40 11.10
CA LYS B 67 6.79 24.08 10.00
C LYS B 67 7.67 23.94 8.78
N ARG B 68 7.02 23.44 7.74
CA ARG B 68 7.75 22.98 6.58
C ARG B 68 7.25 23.87 5.41
N SER B 69 8.12 24.82 5.01
CA SER B 69 7.84 25.87 3.98
C SER B 69 8.60 25.70 2.66
N ALA B 70 9.58 24.81 2.65
CA ALA B 70 10.17 24.34 1.41
C ALA B 70 9.18 23.34 0.83
N THR B 71 9.24 22.99 -0.47
CA THR B 71 8.65 21.71 -0.87
C THR B 71 9.65 20.72 -0.23
N PRO B 72 9.14 19.73 0.51
CA PRO B 72 9.98 19.16 1.56
C PRO B 72 10.21 17.63 1.52
N THR B 73 10.95 17.07 2.47
CA THR B 73 11.36 15.66 2.37
C THR B 73 10.98 14.89 3.60
N TYR B 74 10.31 13.74 3.41
CA TYR B 74 9.87 12.86 4.51
C TYR B 74 10.89 11.84 5.02
N PRO B 75 10.69 11.40 6.27
CA PRO B 75 11.64 10.53 6.98
C PRO B 75 11.71 9.11 6.38
N LYS B 76 10.54 8.64 5.92
CA LYS B 76 10.44 7.37 5.24
C LYS B 76 11.34 7.40 3.99
N ASP B 77 11.28 8.48 3.20
CA ASP B 77 12.15 8.61 2.03
C ASP B 77 13.62 8.94 2.41
N ALA B 78 13.85 9.88 3.31
CA ALA B 78 15.24 10.20 3.72
C ALA B 78 15.99 8.96 4.23
N SER B 79 15.31 8.17 5.07
CA SER B 79 15.86 6.94 5.63
C SER B 79 16.37 6.02 4.52
N ALA B 80 15.45 5.75 3.61
CA ALA B 80 15.66 4.92 2.45
C ALA B 80 16.84 5.44 1.59
N MET B 81 16.90 6.76 1.37
CA MET B 81 18.03 7.34 0.63
C MET B 81 19.38 7.14 1.34
N VAL B 82 19.44 7.36 2.66
CA VAL B 82 20.68 7.08 3.36
C VAL B 82 21.08 5.64 3.07
N THR B 83 20.13 4.72 3.22
CA THR B 83 20.47 3.31 2.98
C THR B 83 20.86 2.96 1.51
N LEU B 84 20.20 3.57 0.52
CA LEU B 84 20.56 3.32 -0.87
C LEU B 84 21.95 3.86 -1.19
N LEU B 85 22.28 5.00 -0.61
CA LEU B 85 23.59 5.58 -0.72
C LEU B 85 24.66 4.73 -0.11
N ASP B 86 24.27 3.78 0.74
CA ASP B 86 25.26 2.90 1.37
C ASP B 86 26.15 3.76 2.21
N LEU B 87 25.55 4.53 3.11
CA LEU B 87 26.30 5.52 3.86
C LEU B 87 26.75 4.93 5.15
N ALA B 88 28.06 4.89 5.35
CA ALA B 88 28.66 4.48 6.61
C ALA B 88 29.36 5.66 7.25
N PRO B 89 29.65 5.60 8.55
CA PRO B 89 30.32 6.73 9.18
C PRO B 89 31.68 7.13 8.61
N GLY B 90 31.93 8.44 8.52
CA GLY B 90 33.23 8.96 8.17
C GLY B 90 33.30 9.33 6.71
N MET B 91 32.30 8.86 5.98
CA MET B 91 32.12 9.14 4.55
C MET B 91 31.80 10.60 4.29
N ARG B 92 32.05 11.03 3.05
CA ARG B 92 31.83 12.39 2.59
C ARG B 92 30.70 12.41 1.56
N VAL B 93 29.61 13.14 1.82
CA VAL B 93 28.48 13.08 0.91
C VAL B 93 28.04 14.43 0.39
N LEU B 94 27.92 14.51 -0.93
CA LEU B 94 27.52 15.74 -1.59
C LEU B 94 26.02 15.85 -1.60
N GLU B 95 25.48 17.02 -1.34
CA GLU B 95 24.03 17.12 -1.22
C GLU B 95 23.49 18.37 -1.87
N ALA B 96 22.32 18.23 -2.44
CA ALA B 96 21.63 19.37 -3.03
C ALA B 96 20.17 19.18 -2.79
N GLY B 97 19.48 20.22 -2.36
CA GLY B 97 18.08 20.01 -2.06
C GLY B 97 17.13 21.18 -2.00
N THR B 98 16.11 20.90 -1.18
CA THR B 98 15.01 21.78 -0.86
C THR B 98 15.44 22.60 0.34
N GLY B 99 14.64 23.53 0.80
CA GLY B 99 14.91 24.09 2.11
C GLY B 99 14.46 23.27 3.35
N SER B 100 14.02 22.01 3.18
CA SER B 100 13.42 21.28 4.31
C SER B 100 14.44 21.14 5.45
N GLY B 101 15.66 20.75 5.10
CA GLY B 101 16.71 20.43 6.06
C GLY B 101 16.68 18.97 6.48
N GLY B 102 15.56 18.30 6.21
CA GLY B 102 15.33 16.95 6.64
C GLY B 102 16.37 16.01 6.05
N LEU B 103 16.49 16.04 4.73
CA LEU B 103 17.41 15.13 4.03
C LEU B 103 18.83 15.33 4.56
N THR B 104 19.21 16.58 4.78
CA THR B 104 20.58 16.90 5.22
C THR B 104 20.75 16.32 6.59
N LEU B 105 19.70 16.41 7.40
CA LEU B 105 19.75 15.87 8.76
C LEU B 105 19.89 14.37 8.77
N PHE B 106 19.07 13.63 8.01
CA PHE B 106 19.25 12.16 7.93
C PHE B 106 20.65 11.76 7.46
N LEU B 107 21.18 12.41 6.41
CA LEU B 107 22.58 12.23 5.95
C LEU B 107 23.65 12.59 6.98
N ALA B 108 23.40 13.65 7.75
CA ALA B 108 24.30 14.09 8.81
C ALA B 108 24.63 12.98 9.87
N ARG B 109 23.58 12.29 10.32
CA ARG B 109 23.71 11.13 11.21
C ARG B 109 24.45 9.90 10.64
N ALA B 110 24.30 9.68 9.36
CA ALA B 110 24.77 8.47 8.78
C ALA B 110 26.27 8.54 8.72
N VAL B 111 26.79 9.75 8.50
CA VAL B 111 28.23 9.92 8.22
C VAL B 111 28.97 10.16 9.52
N GLY B 112 28.28 10.74 10.50
CA GLY B 112 28.86 10.95 11.81
C GLY B 112 29.64 12.24 11.89
N GLU B 113 30.27 12.42 13.05
CA GLU B 113 30.98 13.65 13.35
C GLU B 113 32.33 13.60 12.63
N LYS B 114 32.74 12.40 12.22
CA LYS B 114 34.02 12.23 11.52
C LYS B 114 33.82 12.29 10.01
N GLY B 115 32.59 12.09 9.56
CA GLY B 115 32.24 12.24 8.15
C GLY B 115 32.01 13.69 7.70
N LEU B 116 31.29 13.91 6.59
CA LEU B 116 30.92 15.25 6.15
C LEU B 116 29.73 15.30 5.16
N VAL B 117 28.97 16.39 5.21
CA VAL B 117 27.86 16.66 4.30
C VAL B 117 27.97 18.10 3.75
N GLU B 118 28.37 18.22 2.47
CA GLU B 118 28.40 19.50 1.77
C GLU B 118 27.00 19.69 1.19
N SER B 119 26.20 20.56 1.83
CA SER B 119 24.84 20.82 1.39
C SER B 119 24.71 22.13 0.59
N TYR B 120 24.16 22.01 -0.63
CA TYR B 120 23.97 23.12 -1.54
C TYR B 120 22.54 23.53 -1.67
N GLU B 121 22.29 24.83 -1.54
CA GLU B 121 20.96 25.35 -1.83
C GLU B 121 21.08 26.47 -2.84
N ALA B 122 20.12 26.56 -3.75
CA ALA B 122 20.26 27.41 -4.90
C ALA B 122 19.76 28.82 -4.57
N ARG B 123 18.59 28.89 -3.97
CA ARG B 123 18.00 30.18 -3.59
C ARG B 123 18.52 30.53 -2.19
N PRO B 124 18.82 31.81 -1.93
CA PRO B 124 19.29 32.23 -0.60
C PRO B 124 18.24 32.20 0.53
N HIS B 125 16.96 32.21 0.18
CA HIS B 125 15.93 31.93 1.16
C HIS B 125 15.97 30.45 1.52
N HIS B 126 15.88 29.60 0.50
CA HIS B 126 15.99 28.16 0.64
C HIS B 126 17.23 27.74 1.43
N LEU B 127 18.29 28.54 1.45
CA LEU B 127 19.47 28.16 2.23
C LEU B 127 19.20 28.44 3.69
N ALA B 128 18.69 29.63 3.98
CA ALA B 128 18.35 30.03 5.34
C ALA B 128 17.37 29.07 6.00
N GLN B 129 16.36 28.66 5.27
CA GLN B 129 15.45 27.66 5.83
C GLN B 129 16.31 26.46 6.28
N ALA B 130 16.97 25.76 5.35
CA ALA B 130 17.80 24.59 5.73
C ALA B 130 18.69 24.84 6.95
N GLU B 131 19.37 25.97 7.05
CA GLU B 131 20.17 26.22 8.23
C GLU B 131 19.32 26.33 9.51
N ARG B 132 18.20 27.05 9.38
CA ARG B 132 17.32 27.29 10.53
C ARG B 132 16.84 25.95 11.06
N ASN B 133 16.24 25.20 10.14
CA ASN B 133 15.70 23.87 10.41
C ASN B 133 16.77 22.88 10.82
N VAL B 134 17.97 22.97 10.26
CA VAL B 134 19.02 21.98 10.57
C VAL B 134 19.77 22.22 11.87
N ARG B 135 19.98 23.47 12.28
CA ARG B 135 20.78 23.65 13.49
C ARG B 135 19.96 23.81 14.79
N ALA B 136 18.64 23.81 14.68
CA ALA B 136 17.77 23.61 15.87
C ALA B 136 17.94 22.20 16.45
N PHE B 137 17.97 21.20 15.57
CA PHE B 137 18.02 19.80 16.00
C PHE B 137 19.43 19.23 16.13
N TRP B 138 20.38 19.75 15.34
CA TRP B 138 21.74 19.18 15.25
C TRP B 138 22.77 20.28 14.90
N GLN B 139 23.69 20.55 15.84
CA GLN B 139 24.66 21.65 15.71
C GLN B 139 26.09 21.15 15.39
N VAL B 140 26.26 19.83 15.22
CA VAL B 140 27.57 19.25 14.88
C VAL B 140 28.12 19.80 13.54
N GLU B 141 29.45 19.80 13.38
CA GLU B 141 30.14 20.58 12.32
C GLU B 141 30.24 19.80 11.02
N ASN B 142 29.79 18.55 11.04
CA ASN B 142 29.90 17.75 9.86
C ASN B 142 28.91 18.20 8.76
N VAL B 143 28.15 19.26 8.98
CA VAL B 143 27.38 19.87 7.88
C VAL B 143 27.86 21.28 7.53
N ARG B 144 28.23 21.45 6.24
CA ARG B 144 28.61 22.75 5.67
C ARG B 144 27.67 23.19 4.58
N PHE B 145 27.08 24.36 4.76
CA PHE B 145 26.17 24.89 3.76
C PHE B 145 26.81 25.79 2.72
N HIS B 146 26.37 25.62 1.48
CA HIS B 146 26.83 26.43 0.36
C HIS B 146 25.61 26.97 -0.37
N LEU B 147 25.80 28.12 -1.00
CA LEU B 147 24.77 28.77 -1.79
C LEU B 147 25.07 28.50 -3.24
N GLY B 148 24.14 27.88 -3.95
CA GLY B 148 24.30 27.63 -5.36
C GLY B 148 23.93 26.28 -5.90
N LYS B 149 24.51 26.01 -7.06
CA LYS B 149 24.20 24.84 -7.87
C LYS B 149 25.48 24.05 -8.04
N LEU B 150 25.33 22.76 -8.25
CA LEU B 150 26.47 21.85 -8.36
C LEU B 150 27.21 22.00 -9.69
N GLU B 151 26.46 22.22 -10.76
CA GLU B 151 27.06 22.38 -12.07
C GLU B 151 27.98 23.58 -12.03
N GLU B 152 27.71 24.49 -11.08
CA GLU B 152 28.56 25.65 -10.85
C GLU B 152 29.44 25.57 -9.57
N ALA B 153 29.31 24.47 -8.85
CA ALA B 153 30.17 24.26 -7.70
C ALA B 153 31.55 23.82 -8.14
N GLU B 154 32.52 24.20 -7.31
CA GLU B 154 33.87 23.79 -7.53
C GLU B 154 34.17 22.61 -6.62
N LEU B 155 34.19 21.39 -7.18
CA LEU B 155 34.31 20.20 -6.34
C LEU B 155 35.61 19.45 -6.58
N GLU B 156 36.17 18.92 -5.51
CA GLU B 156 37.37 18.08 -5.64
C GLU B 156 36.90 16.90 -6.46
N GLU B 157 37.82 16.16 -7.09
CA GLU B 157 37.39 15.17 -8.08
C GLU B 157 37.49 13.75 -7.55
N ALA B 158 36.35 13.06 -7.63
CA ALA B 158 36.24 11.71 -7.09
C ALA B 158 36.48 11.76 -5.57
N ALA B 159 36.05 12.85 -4.93
CA ALA B 159 36.23 13.04 -3.48
C ALA B 159 35.03 12.70 -2.62
N TYR B 160 33.96 12.21 -3.23
CA TYR B 160 32.67 12.07 -2.56
C TYR B 160 32.14 10.65 -2.61
N ASP B 161 31.50 10.22 -1.52
CA ASP B 161 31.10 8.83 -1.37
C ASP B 161 29.66 8.64 -1.80
N GLY B 162 29.01 9.75 -2.07
CA GLY B 162 27.67 9.67 -2.53
C GLY B 162 27.11 11.03 -2.79
N VAL B 163 26.07 11.01 -3.61
CA VAL B 163 25.35 12.20 -3.98
C VAL B 163 23.86 12.07 -3.69
N ALA B 164 23.35 12.99 -2.91
CA ALA B 164 21.97 12.99 -2.57
C ALA B 164 21.30 14.23 -3.09
N LEU B 165 20.26 14.03 -3.89
CA LEU B 165 19.57 15.16 -4.49
C LEU B 165 18.09 15.21 -4.17
N ALA B 166 17.62 16.44 -4.11
CA ALA B 166 16.22 16.75 -4.00
C ALA B 166 16.04 18.08 -4.78
N LEU B 167 16.37 17.96 -6.06
CA LEU B 167 16.21 19.02 -7.06
C LEU B 167 15.13 18.70 -8.06
N MET B 168 14.46 19.74 -8.52
CA MET B 168 13.45 19.57 -9.54
C MET B 168 14.01 19.16 -10.90
N GLU B 169 15.26 19.50 -11.24
CA GLU B 169 15.80 19.04 -12.51
C GLU B 169 17.23 18.47 -12.46
N PRO B 170 17.38 17.29 -11.84
CA PRO B 170 18.70 16.69 -11.57
C PRO B 170 19.56 16.28 -12.75
N TRP B 171 19.06 16.25 -13.99
CA TRP B 171 19.87 15.88 -15.18
C TRP B 171 20.99 16.89 -15.32
N LYS B 172 20.77 18.04 -14.71
CA LYS B 172 21.65 19.17 -14.87
C LYS B 172 22.99 18.98 -14.18
N VAL B 173 22.98 18.35 -13.02
CA VAL B 173 24.19 18.16 -12.25
C VAL B 173 24.86 16.83 -12.50
N LEU B 174 24.33 16.02 -13.41
CA LEU B 174 24.89 14.69 -13.59
C LEU B 174 26.37 14.75 -13.98
N GLU B 175 26.76 15.84 -14.66
CA GLU B 175 28.12 15.96 -15.15
C GLU B 175 29.08 16.29 -14.00
N LYS B 176 28.78 17.33 -13.24
CA LYS B 176 29.63 17.60 -12.10
C LYS B 176 29.60 16.36 -11.21
N ALA B 177 28.41 15.84 -10.95
CA ALA B 177 28.28 14.69 -10.03
C ALA B 177 29.08 13.49 -10.50
N ALA B 178 29.14 13.26 -11.80
CA ALA B 178 30.00 12.23 -12.31
C ALA B 178 31.48 12.38 -11.86
N LEU B 179 32.07 13.60 -11.86
CA LEU B 179 33.51 13.71 -11.60
C LEU B 179 33.71 13.73 -10.10
N ALA B 180 32.76 14.34 -9.43
CA ALA B 180 32.76 14.41 -7.98
C ALA B 180 32.61 13.04 -7.27
N LEU B 181 31.88 12.10 -7.89
CA LEU B 181 31.65 10.74 -7.34
C LEU B 181 32.78 9.73 -7.55
N LYS B 182 33.16 9.05 -6.48
CA LYS B 182 34.09 7.93 -6.54
C LYS B 182 33.50 6.79 -7.36
N PRO B 183 34.32 6.03 -8.10
CA PRO B 183 33.75 4.86 -8.79
C PRO B 183 32.95 3.91 -7.87
N ASP B 184 31.87 3.36 -8.42
CA ASP B 184 30.99 2.42 -7.75
C ASP B 184 30.29 2.99 -6.50
N ARG B 185 30.34 4.33 -6.34
CA ARG B 185 29.49 5.01 -5.37
C ARG B 185 28.31 5.70 -6.00
N PHE B 186 27.26 5.95 -5.22
CA PHE B 186 25.94 6.24 -5.82
C PHE B 186 25.45 7.69 -5.88
N LEU B 187 24.59 7.94 -6.85
CA LEU B 187 23.74 9.13 -6.84
C LEU B 187 22.31 8.67 -6.60
N VAL B 188 21.61 9.36 -5.71
CA VAL B 188 20.25 9.05 -5.40
C VAL B 188 19.43 10.30 -5.45
N ALA B 189 18.31 10.23 -6.15
CA ALA B 189 17.52 11.43 -6.37
C ALA B 189 16.08 11.22 -5.98
N TYR B 190 15.57 12.21 -5.24
CA TYR B 190 14.19 12.28 -4.76
C TYR B 190 13.28 13.06 -5.73
N LEU B 191 12.53 12.36 -6.59
CA LEU B 191 11.65 13.00 -7.59
C LEU B 191 10.18 12.64 -7.42
N PRO B 192 9.33 13.63 -7.20
CA PRO B 192 7.89 13.36 -7.04
C PRO B 192 7.17 12.81 -8.26
N ASN B 193 7.51 13.26 -9.46
CA ASN B 193 6.76 12.91 -10.66
C ASN B 193 7.49 11.93 -11.52
N ILE B 194 6.74 10.95 -12.02
CA ILE B 194 7.31 9.81 -12.71
C ILE B 194 7.92 10.37 -13.98
N THR B 195 7.36 11.49 -14.45
CA THR B 195 7.96 12.20 -15.58
C THR B 195 9.43 12.63 -15.32
N GLN B 196 9.74 13.10 -14.12
CA GLN B 196 11.10 13.54 -13.81
C GLN B 196 12.05 12.40 -13.73
N VAL B 197 11.55 11.35 -13.11
CA VAL B 197 12.22 10.04 -13.16
C VAL B 197 12.48 9.64 -14.61
N LEU B 198 11.48 9.79 -15.46
CA LEU B 198 11.68 9.36 -16.86
C LEU B 198 12.76 10.23 -17.59
N GLU B 199 12.75 11.53 -17.33
CA GLU B 199 13.70 12.41 -18.00
C GLU B 199 15.11 12.13 -17.53
N LEU B 200 15.26 11.95 -16.22
CA LEU B 200 16.56 11.70 -15.61
C LEU B 200 17.17 10.42 -16.11
N VAL B 201 16.38 9.36 -16.12
CA VAL B 201 16.85 8.11 -16.70
C VAL B 201 17.29 8.29 -18.15
N ARG B 202 16.43 8.88 -18.97
CA ARG B 202 16.82 9.23 -20.33
C ARG B 202 18.14 10.03 -20.39
N ALA B 203 18.30 11.01 -19.48
CA ALA B 203 19.49 11.85 -19.45
C ALA B 203 20.73 11.10 -19.03
N ALA B 204 20.55 10.16 -18.10
CA ALA B 204 21.67 9.50 -17.44
C ALA B 204 22.50 8.66 -18.38
N GLU B 205 21.93 8.33 -19.53
CA GLU B 205 22.57 7.40 -20.44
C GLU B 205 23.70 8.09 -21.13
N ALA B 206 23.77 9.42 -20.93
CA ALA B 206 24.83 10.26 -21.49
C ALA B 206 26.00 10.44 -20.52
N HIS B 207 25.87 9.98 -19.30
CA HIS B 207 26.99 10.09 -18.36
C HIS B 207 27.26 8.74 -17.77
N PRO B 208 28.45 8.56 -17.19
CA PRO B 208 28.92 7.20 -16.86
C PRO B 208 28.29 6.69 -15.58
N PHE B 209 26.97 6.54 -15.68
CA PHE B 209 26.15 5.90 -14.69
C PHE B 209 25.46 4.68 -15.25
N ARG B 210 25.30 3.66 -14.43
CA ARG B 210 24.32 2.63 -14.76
C ARG B 210 23.16 2.81 -13.81
N LEU B 211 21.94 2.86 -14.33
CA LEU B 211 20.73 2.86 -13.50
C LEU B 211 20.70 1.61 -12.62
N GLU B 212 20.29 1.70 -11.34
CA GLU B 212 20.31 0.54 -10.44
C GLU B 212 18.95 0.26 -9.81
N ARG B 213 18.22 1.31 -9.43
CA ARG B 213 16.93 1.12 -8.78
C ARG B 213 16.05 2.29 -9.05
N VAL B 214 14.75 2.05 -9.06
CA VAL B 214 13.76 3.12 -9.13
C VAL B 214 12.69 2.65 -8.17
N LEU B 215 12.38 3.39 -7.10
CA LEU B 215 11.38 2.88 -6.15
C LEU B 215 10.51 3.83 -5.36
N GLU B 216 9.54 3.26 -4.64
CA GLU B 216 8.62 4.01 -3.82
C GLU B 216 8.52 3.43 -2.44
N VAL B 217 9.06 4.13 -1.44
CA VAL B 217 8.93 3.75 -0.04
C VAL B 217 7.48 3.90 0.48
N GLY B 218 6.91 2.85 1.06
CA GLY B 218 5.66 2.97 1.79
C GLY B 218 5.79 2.47 3.22
N TRP B 219 5.34 3.31 4.16
CA TRP B 219 5.22 2.95 5.55
C TRP B 219 3.74 2.91 5.89
N ARG B 220 3.19 1.72 6.05
CA ARG B 220 1.76 1.53 6.28
C ARG B 220 1.54 1.59 7.76
N GLU B 221 1.12 2.73 8.29
CA GLU B 221 0.87 2.78 9.72
C GLU B 221 -0.37 1.93 10.01
N TRP B 222 -0.31 1.23 11.13
CA TRP B 222 -1.46 0.51 11.66
C TRP B 222 -1.95 1.21 12.94
N GLU B 223 -3.26 1.15 13.14
CA GLU B 223 -3.86 1.48 14.42
C GLU B 223 -4.18 0.24 15.16
N VAL B 224 -3.67 0.19 16.39
CA VAL B 224 -3.92 -0.91 17.33
C VAL B 224 -4.37 -0.31 18.64
N ARG B 225 -5.64 -0.45 18.93
CA ARG B 225 -6.20 -0.22 20.26
C ARG B 225 -7.15 -1.40 20.40
N LEU B 226 -6.64 -2.51 20.92
CA LEU B 226 -7.40 -3.76 20.95
C LEU B 226 -8.77 -3.58 21.59
N PRO B 227 -9.84 -4.09 20.98
CA PRO B 227 -9.92 -5.02 19.86
C PRO B 227 -9.74 -4.38 18.46
N VAL B 228 -9.47 -3.08 18.44
CA VAL B 228 -9.22 -2.41 17.19
C VAL B 228 -7.81 -2.69 16.76
N ALA B 229 -7.70 -3.30 15.59
CA ALA B 229 -6.43 -3.56 14.98
C ALA B 229 -6.60 -3.50 13.47
N HIS B 230 -6.17 -2.42 12.83
CA HIS B 230 -6.18 -2.40 11.36
C HIS B 230 -5.17 -1.37 10.80
N PRO B 231 -4.99 -1.37 9.47
CA PRO B 231 -4.22 -0.32 8.78
C PRO B 231 -4.94 1.00 8.82
N ARG B 232 -4.22 2.04 9.22
CA ARG B 232 -4.75 3.39 9.26
C ARG B 232 -5.51 3.71 8.04
N PHE B 233 -6.70 4.25 8.23
CA PHE B 233 -7.53 4.58 7.08
C PHE B 233 -6.79 5.54 6.16
N GLN B 234 -6.43 6.70 6.68
CA GLN B 234 -5.82 7.70 5.83
C GLN B 234 -4.33 7.70 6.02
N GLN B 235 -3.60 7.54 4.93
CA GLN B 235 -2.16 7.50 5.01
C GLN B 235 -1.46 8.33 3.94
N VAL B 236 -0.13 8.44 4.15
CA VAL B 236 0.77 9.22 3.31
C VAL B 236 1.09 8.51 1.98
N GLY B 237 0.04 8.13 1.24
CA GLY B 237 0.14 7.32 0.04
C GLY B 237 1.44 7.41 -0.78
N HIS B 238 1.71 8.62 -1.31
CA HIS B 238 2.89 8.82 -2.16
C HIS B 238 3.52 10.17 -2.03
N THR B 239 4.85 10.16 -2.00
CA THR B 239 5.65 11.37 -1.82
C THR B 239 6.60 11.58 -2.97
N ALA B 240 7.43 10.56 -3.21
CA ALA B 240 8.41 10.67 -4.26
C ALA B 240 8.90 9.33 -4.73
N PHE B 241 9.31 9.33 -5.99
CA PHE B 241 10.11 8.25 -6.54
C PHE B 241 11.58 8.49 -6.19
N LEU B 242 12.25 7.43 -5.74
CA LEU B 242 13.69 7.47 -5.51
C LEU B 242 14.38 6.85 -6.71
N VAL B 243 15.40 7.53 -7.23
CA VAL B 243 16.17 6.97 -8.33
C VAL B 243 17.58 6.77 -7.86
N ALA B 244 18.07 5.54 -7.91
CA ALA B 244 19.46 5.24 -7.58
C ALA B 244 20.34 4.90 -8.80
N LEU B 245 21.46 5.59 -8.93
CA LEU B 245 22.38 5.37 -10.04
C LEU B 245 23.78 5.06 -9.56
N ARG B 246 24.47 4.20 -10.28
CA ARG B 246 25.84 3.84 -9.97
C ARG B 246 26.87 4.34 -10.97
N ARG B 247 27.86 5.04 -10.42
CA ARG B 247 29.02 5.57 -11.13
C ARG B 247 29.93 4.45 -11.60
N TRP B 248 30.07 4.32 -12.92
CA TRP B 248 30.78 3.22 -13.51
C TRP B 248 32.19 3.09 -12.99
N LYS B 249 32.67 1.84 -12.95
CA LYS B 249 34.02 1.57 -12.53
C LYS B 249 34.90 2.23 -13.55
N GLY B 250 35.82 3.06 -13.06
CA GLY B 250 36.89 3.58 -13.87
C GLY B 250 36.45 4.53 -14.97
N SER B 251 37.10 5.69 -15.01
CA SER B 251 36.70 6.76 -15.90
C SER B 251 37.55 7.98 -15.62
N GLY C 1 -33.80 9.30 -12.95
CA GLY C 1 -32.94 9.29 -11.77
C GLY C 1 -32.32 10.66 -11.52
N PRO C 2 -31.44 10.75 -10.49
CA PRO C 2 -30.67 11.91 -9.99
C PRO C 2 -29.56 12.40 -10.89
N LEU C 3 -28.91 13.48 -10.42
CA LEU C 3 -27.88 14.20 -11.19
C LEU C 3 -26.77 14.69 -10.30
N LEU C 4 -25.60 14.87 -10.90
CA LEU C 4 -24.38 15.21 -10.20
C LEU C 4 -23.65 16.37 -10.84
N LEU C 5 -23.18 17.32 -10.02
CA LEU C 5 -22.52 18.53 -10.53
C LEU C 5 -21.08 18.52 -10.05
N LYS C 6 -20.16 19.23 -10.71
CA LYS C 6 -18.76 19.18 -10.25
C LYS C 6 -18.20 20.57 -9.82
N ALA C 12 -18.38 18.76 -5.68
CA ALA C 12 -19.27 18.01 -6.57
C ALA C 12 -20.47 17.27 -5.89
N TYR C 13 -21.69 17.82 -6.04
CA TYR C 13 -22.88 17.43 -5.25
C TYR C 13 -24.00 16.70 -6.02
N LEU C 14 -24.64 15.76 -5.34
CA LEU C 14 -25.83 15.07 -5.87
C LEU C 14 -27.10 15.92 -5.68
N VAL C 15 -28.06 15.80 -6.61
CA VAL C 15 -29.31 16.59 -6.58
C VAL C 15 -30.48 15.92 -7.41
N PHE C 16 -31.72 16.43 -7.27
CA PHE C 16 -32.91 15.88 -7.97
C PHE C 16 -33.79 16.89 -8.75
N SER C 53 -21.26 21.73 -14.28
CA SER C 53 -21.22 20.64 -15.26
C SER C 53 -22.20 19.50 -14.91
N VAL C 54 -23.16 19.20 -15.80
CA VAL C 54 -24.20 18.19 -15.55
C VAL C 54 -23.82 16.75 -15.98
N HIS C 55 -24.00 15.82 -15.04
CA HIS C 55 -23.60 14.43 -15.19
C HIS C 55 -24.67 13.44 -14.63
N ARG C 56 -24.97 12.40 -15.38
CA ARG C 56 -25.63 11.26 -14.77
C ARG C 56 -24.56 10.62 -13.89
N PRO C 57 -24.90 10.28 -12.65
CA PRO C 57 -23.80 9.80 -11.84
C PRO C 57 -23.51 8.31 -12.05
N THR C 58 -22.23 8.02 -12.18
CA THR C 58 -21.73 6.67 -11.97
C THR C 58 -22.27 6.10 -10.63
N LEU C 59 -22.62 4.82 -10.60
CA LEU C 59 -22.93 4.12 -9.35
C LEU C 59 -21.87 4.39 -8.25
N GLU C 60 -20.59 4.47 -8.62
CA GLU C 60 -19.56 4.73 -7.62
C GLU C 60 -19.64 6.20 -7.14
N GLU C 61 -19.99 7.09 -8.05
CA GLU C 61 -20.10 8.49 -7.69
C GLU C 61 -21.28 8.58 -6.73
N TYR C 62 -22.32 7.84 -7.05
CA TYR C 62 -23.50 7.78 -6.21
C TYR C 62 -23.13 7.36 -4.81
N LEU C 63 -22.42 6.26 -4.63
CA LEU C 63 -22.05 5.83 -3.26
C LEU C 63 -21.21 6.87 -2.56
N LEU C 64 -20.35 7.57 -3.29
CA LEU C 64 -19.47 8.54 -2.65
C LEU C 64 -20.11 9.88 -2.33
N HIS C 65 -21.25 10.22 -2.94
CA HIS C 65 -21.95 11.45 -2.53
C HIS C 65 -23.41 11.31 -2.02
N MET C 66 -23.98 10.10 -2.09
CA MET C 66 -25.28 9.81 -1.42
C MET C 66 -25.13 9.91 0.09
N LYS C 67 -26.25 9.90 0.81
CA LYS C 67 -26.23 10.00 2.30
C LYS C 67 -25.69 8.69 2.86
N ARG C 68 -24.38 8.66 3.06
CA ARG C 68 -23.69 7.42 3.37
C ARG C 68 -23.79 7.24 4.86
N SER C 69 -24.51 6.19 5.22
CA SER C 69 -24.71 5.84 6.61
C SER C 69 -23.85 4.57 6.85
N ALA C 70 -22.86 4.65 7.73
CA ALA C 70 -22.30 5.91 8.25
C ALA C 70 -20.91 5.96 7.71
N THR C 71 -20.22 4.85 7.96
CA THR C 71 -18.91 4.55 7.41
C THR C 71 -19.14 3.75 6.12
N PRO C 72 -19.02 4.42 4.97
CA PRO C 72 -19.61 3.91 3.72
C PRO C 72 -19.09 2.54 3.33
N THR C 73 -19.81 1.92 2.40
CA THR C 73 -19.23 0.87 1.60
C THR C 73 -18.60 1.64 0.47
N TYR C 74 -17.29 1.51 0.35
CA TYR C 74 -16.56 2.11 -0.77
C TYR C 74 -16.72 1.20 -2.01
N PRO C 75 -16.77 1.79 -3.22
CA PRO C 75 -16.95 1.00 -4.46
C PRO C 75 -15.80 0.07 -4.77
N LYS C 76 -14.63 0.49 -4.29
CA LYS C 76 -13.42 -0.31 -4.39
C LYS C 76 -13.76 -1.71 -3.80
N ASP C 77 -14.44 -1.74 -2.65
CA ASP C 77 -14.77 -2.99 -1.92
C ASP C 77 -16.01 -3.73 -2.48
N ALA C 78 -17.11 -2.98 -2.61
CA ALA C 78 -18.33 -3.53 -3.15
C ALA C 78 -18.09 -4.23 -4.54
N SER C 79 -17.35 -3.59 -5.45
CA SER C 79 -16.93 -4.25 -6.71
C SER C 79 -16.14 -5.58 -6.47
N ALA C 80 -15.21 -5.50 -5.54
CA ALA C 80 -14.40 -6.64 -5.17
C ALA C 80 -15.29 -7.81 -4.73
N MET C 81 -16.23 -7.48 -3.84
CA MET C 81 -17.04 -8.51 -3.22
C MET C 81 -17.91 -9.17 -4.26
N VAL C 82 -18.48 -8.37 -5.17
CA VAL C 82 -19.25 -9.02 -6.22
C VAL C 82 -18.37 -9.99 -7.03
N THR C 83 -17.14 -9.59 -7.32
CA THR C 83 -16.23 -10.44 -8.10
C THR C 83 -15.98 -11.77 -7.42
N LEU C 84 -15.73 -11.68 -6.12
CA LEU C 84 -15.43 -12.83 -5.30
C LEU C 84 -16.62 -13.73 -5.16
N LEU C 85 -17.77 -13.10 -4.98
CA LEU C 85 -19.02 -13.85 -4.84
C LEU C 85 -19.38 -14.56 -6.12
N ASP C 86 -18.68 -14.25 -7.22
CA ASP C 86 -18.89 -14.92 -8.50
C ASP C 86 -20.30 -14.73 -9.00
N LEU C 87 -20.80 -13.50 -9.00
CA LEU C 87 -22.20 -13.26 -9.33
C LEU C 87 -22.42 -13.03 -10.83
N ALA C 88 -23.52 -13.59 -11.32
CA ALA C 88 -23.94 -13.47 -12.71
C ALA C 88 -25.41 -13.04 -12.75
N PRO C 89 -25.94 -12.80 -13.96
CA PRO C 89 -27.37 -12.52 -14.00
C PRO C 89 -28.21 -13.75 -13.65
N GLY C 90 -29.30 -13.49 -12.95
CA GLY C 90 -30.21 -14.57 -12.53
C GLY C 90 -30.16 -15.08 -11.09
N MET C 91 -29.07 -14.86 -10.37
CA MET C 91 -28.82 -15.50 -9.08
C MET C 91 -29.51 -14.84 -7.89
N ARG C 92 -29.55 -15.54 -6.76
CA ARG C 92 -30.22 -15.02 -5.59
C ARG C 92 -29.17 -14.76 -4.52
N VAL C 93 -29.17 -13.57 -3.95
CA VAL C 93 -28.12 -13.25 -3.05
C VAL C 93 -28.65 -12.76 -1.74
N LEU C 94 -27.99 -13.18 -0.68
CA LEU C 94 -28.36 -12.77 0.66
C LEU C 94 -27.45 -11.66 1.13
N GLU C 95 -28.00 -10.54 1.64
CA GLU C 95 -27.13 -9.47 2.13
C GLU C 95 -27.56 -9.02 3.53
N ALA C 96 -26.56 -8.72 4.33
CA ALA C 96 -26.73 -8.03 5.58
C ALA C 96 -25.48 -7.20 5.77
N GLY C 97 -25.46 -6.20 6.63
CA GLY C 97 -26.61 -5.42 6.98
C GLY C 97 -26.24 -4.00 6.58
N THR C 98 -25.70 -3.28 7.56
CA THR C 98 -25.74 -1.83 7.53
C THR C 98 -24.79 -1.24 6.46
N GLY C 99 -25.19 -0.11 5.89
CA GLY C 99 -26.42 0.55 6.29
C GLY C 99 -26.84 1.68 5.36
N SER C 100 -26.26 1.68 4.16
CA SER C 100 -26.55 2.72 3.19
C SER C 100 -27.14 2.05 1.95
N GLY C 101 -27.20 0.72 2.00
CA GLY C 101 -27.56 -0.06 0.84
C GLY C 101 -26.63 0.20 -0.33
N GLY C 102 -25.44 0.75 -0.01
CA GLY C 102 -24.38 0.94 -1.00
C GLY C 102 -24.00 -0.37 -1.66
N LEU C 103 -23.56 -1.34 -0.87
CA LEU C 103 -23.34 -2.69 -1.36
C LEU C 103 -24.55 -3.22 -2.15
N THR C 104 -25.73 -2.74 -1.79
CA THR C 104 -26.94 -3.40 -2.27
C THR C 104 -27.11 -3.11 -3.78
N LEU C 105 -27.06 -1.85 -4.17
CA LEU C 105 -27.04 -1.49 -5.60
C LEU C 105 -26.10 -2.35 -6.47
N PHE C 106 -24.85 -2.49 -6.06
CA PHE C 106 -23.91 -3.39 -6.73
C PHE C 106 -24.47 -4.79 -6.85
N LEU C 107 -25.05 -5.25 -5.77
CA LEU C 107 -25.65 -6.56 -5.79
C LEU C 107 -26.78 -6.58 -6.81
N ALA C 108 -27.65 -5.59 -6.72
CA ALA C 108 -28.75 -5.44 -7.68
C ALA C 108 -28.31 -5.51 -9.16
N ARG C 109 -27.39 -4.63 -9.57
CA ARG C 109 -26.87 -4.71 -10.95
C ARG C 109 -26.25 -6.04 -11.29
N ALA C 110 -25.42 -6.54 -10.39
CA ALA C 110 -24.76 -7.81 -10.61
C ALA C 110 -25.75 -8.94 -10.96
N VAL C 111 -26.74 -9.22 -10.09
CA VAL C 111 -27.61 -10.42 -10.32
C VAL C 111 -28.70 -10.18 -11.35
N GLY C 112 -29.07 -8.92 -11.50
CA GLY C 112 -29.93 -8.52 -12.58
C GLY C 112 -31.39 -8.59 -12.24
N GLU C 113 -32.19 -8.89 -13.26
CA GLU C 113 -33.64 -8.73 -13.22
C GLU C 113 -34.22 -10.12 -13.06
N LYS C 114 -33.58 -11.10 -13.70
CA LYS C 114 -33.93 -12.47 -13.41
C LYS C 114 -33.55 -12.82 -11.94
N GLY C 115 -32.44 -12.30 -11.45
CA GLY C 115 -32.01 -12.61 -10.11
C GLY C 115 -32.64 -11.67 -9.10
N LEU C 116 -32.40 -11.92 -7.82
CA LEU C 116 -32.87 -11.02 -6.80
C LEU C 116 -31.94 -11.04 -5.59
N VAL C 117 -31.97 -9.92 -4.88
CA VAL C 117 -31.25 -9.69 -3.67
C VAL C 117 -32.22 -9.64 -2.47
N GLU C 118 -31.96 -10.42 -1.42
CA GLU C 118 -32.69 -10.23 -0.16
C GLU C 118 -31.78 -9.48 0.80
N SER C 119 -32.13 -8.25 1.11
CA SER C 119 -31.28 -7.46 1.98
C SER C 119 -31.87 -7.42 3.36
N TYR C 120 -31.10 -7.82 4.36
CA TYR C 120 -31.49 -7.63 5.74
C TYR C 120 -30.69 -6.45 6.19
N GLU C 121 -31.21 -5.79 7.21
CA GLU C 121 -30.47 -4.82 7.97
C GLU C 121 -31.16 -4.80 9.31
N ALA C 122 -30.34 -4.85 10.34
CA ALA C 122 -30.87 -4.84 11.68
C ALA C 122 -31.46 -3.46 12.00
N ARG C 123 -30.62 -2.41 11.93
CA ARG C 123 -31.03 -1.07 12.38
C ARG C 123 -32.25 -0.55 11.58
N PRO C 124 -33.28 0.00 12.28
CA PRO C 124 -34.59 0.40 11.75
C PRO C 124 -34.66 1.74 11.00
N HIS C 125 -34.12 2.81 11.58
CA HIS C 125 -34.35 4.12 10.99
C HIS C 125 -33.53 4.19 9.72
N HIS C 126 -32.32 3.62 9.71
CA HIS C 126 -31.49 3.80 8.54
C HIS C 126 -31.52 2.58 7.60
N LEU C 127 -32.26 1.53 7.93
CA LEU C 127 -32.62 0.55 6.89
C LEU C 127 -33.52 1.24 5.89
N ALA C 128 -34.50 2.00 6.37
CA ALA C 128 -35.20 2.96 5.51
C ALA C 128 -34.17 3.71 4.64
N GLN C 129 -33.22 4.44 5.26
CA GLN C 129 -32.18 5.20 4.51
C GLN C 129 -31.46 4.39 3.44
N ALA C 130 -31.19 3.12 3.71
CA ALA C 130 -30.73 2.23 2.66
C ALA C 130 -31.80 2.25 1.55
N GLU C 131 -33.07 2.03 1.93
CA GLU C 131 -34.16 1.99 0.94
C GLU C 131 -34.28 3.31 0.13
N ARG C 132 -34.16 4.45 0.81
CA ARG C 132 -34.17 5.78 0.15
C ARG C 132 -33.03 5.87 -0.86
N ASN C 133 -31.84 5.45 -0.43
CA ASN C 133 -30.68 5.51 -1.29
C ASN C 133 -30.85 4.61 -2.53
N VAL C 134 -31.26 3.36 -2.33
CA VAL C 134 -31.41 2.44 -3.47
C VAL C 134 -32.51 2.77 -4.46
N ARG C 135 -33.69 3.15 -4.00
CA ARG C 135 -34.74 3.47 -4.97
C ARG C 135 -34.50 4.78 -5.71
N ALA C 136 -33.56 5.61 -5.26
CA ALA C 136 -33.33 6.85 -5.97
C ALA C 136 -32.63 6.52 -7.27
N PHE C 137 -31.65 5.61 -7.17
CA PHE C 137 -30.72 5.33 -8.24
C PHE C 137 -31.24 4.22 -9.15
N TRP C 138 -31.90 3.24 -8.54
CA TRP C 138 -32.18 1.95 -9.19
C TRP C 138 -33.64 1.48 -8.99
N GLN C 139 -34.41 1.42 -10.09
CA GLN C 139 -35.86 1.15 -10.00
C GLN C 139 -36.19 -0.19 -10.66
N VAL C 140 -35.79 -1.27 -9.98
CA VAL C 140 -36.05 -2.67 -10.42
C VAL C 140 -36.48 -3.51 -9.22
N GLU C 141 -37.29 -4.54 -9.45
CA GLU C 141 -37.92 -5.25 -8.32
C GLU C 141 -37.09 -6.42 -7.76
N ASN C 142 -35.79 -6.44 -8.08
CA ASN C 142 -34.90 -7.56 -7.71
C ASN C 142 -34.34 -7.46 -6.28
N VAL C 143 -34.81 -6.49 -5.50
CA VAL C 143 -34.43 -6.42 -4.10
C VAL C 143 -35.67 -6.49 -3.23
N ARG C 144 -35.59 -7.34 -2.21
CA ARG C 144 -36.66 -7.53 -1.23
C ARG C 144 -35.99 -7.30 0.11
N PHE C 145 -36.52 -6.36 0.87
CA PHE C 145 -35.89 -6.00 2.13
C PHE C 145 -36.55 -6.71 3.32
N HIS C 146 -35.77 -6.85 4.38
CA HIS C 146 -36.28 -7.24 5.66
C HIS C 146 -35.77 -6.40 6.81
N LEU C 147 -36.56 -6.35 7.87
CA LEU C 147 -36.08 -5.79 9.11
C LEU C 147 -35.66 -6.99 9.91
N GLY C 148 -34.47 -6.88 10.48
CA GLY C 148 -34.04 -7.79 11.51
C GLY C 148 -32.72 -8.41 11.17
N LYS C 149 -32.18 -9.11 12.16
CA LYS C 149 -31.03 -9.93 11.94
C LYS C 149 -31.51 -11.19 11.24
N LEU C 150 -30.58 -12.00 10.76
CA LEU C 150 -30.91 -13.26 10.15
C LEU C 150 -31.40 -14.30 11.09
N GLU C 151 -30.59 -14.76 12.05
CA GLU C 151 -30.96 -15.90 12.91
C GLU C 151 -32.43 -15.94 13.33
N GLU C 152 -32.94 -14.76 13.66
CA GLU C 152 -34.37 -14.57 13.88
C GLU C 152 -35.16 -14.91 12.61
N ALA C 153 -34.65 -14.52 11.44
CA ALA C 153 -35.30 -14.84 10.17
C ALA C 153 -35.18 -16.31 9.80
N GLU C 154 -35.90 -16.71 8.76
CA GLU C 154 -35.81 -18.06 8.23
C GLU C 154 -35.97 -18.01 6.75
N LEU C 155 -35.38 -19.02 6.09
CA LEU C 155 -35.17 -18.99 4.64
C LEU C 155 -34.98 -20.39 4.10
N GLU C 156 -35.21 -20.55 2.80
CA GLU C 156 -35.17 -21.88 2.19
C GLU C 156 -33.78 -22.39 2.42
N GLU C 157 -33.56 -23.70 2.33
CA GLU C 157 -32.19 -24.17 2.44
C GLU C 157 -31.68 -24.42 1.03
N ALA C 158 -30.42 -24.10 0.81
CA ALA C 158 -29.77 -24.25 -0.50
C ALA C 158 -30.42 -23.43 -1.62
N ALA C 159 -31.16 -22.40 -1.26
CA ALA C 159 -31.75 -21.51 -2.25
C ALA C 159 -30.73 -20.53 -2.85
N TYR C 160 -29.88 -19.93 -2.01
CA TYR C 160 -29.12 -18.75 -2.39
C TYR C 160 -27.75 -19.04 -3.06
N ASP C 161 -27.38 -18.28 -4.11
CA ASP C 161 -26.11 -18.50 -4.82
C ASP C 161 -24.93 -17.74 -4.20
N GLY C 162 -25.17 -16.96 -3.16
CA GLY C 162 -24.08 -16.28 -2.49
C GLY C 162 -24.57 -15.42 -1.33
N VAL C 163 -23.71 -15.26 -0.32
CA VAL C 163 -24.03 -14.39 0.79
C VAL C 163 -23.01 -13.29 0.96
N ALA C 164 -23.49 -12.11 1.33
CA ALA C 164 -22.69 -10.93 1.53
C ALA C 164 -22.99 -10.29 2.88
N LEU C 165 -21.98 -10.28 3.74
CA LEU C 165 -22.12 -9.76 5.08
C LEU C 165 -21.33 -8.48 5.33
N ALA C 166 -21.92 -7.59 6.11
CA ALA C 166 -21.30 -6.32 6.48
C ALA C 166 -21.55 -6.10 7.94
N LEU C 167 -21.68 -7.21 8.66
CA LEU C 167 -22.03 -7.20 10.09
C LEU C 167 -20.78 -7.10 10.90
N MET C 168 -20.88 -6.39 12.02
CA MET C 168 -19.84 -6.36 13.03
C MET C 168 -19.43 -7.79 13.45
N GLU C 169 -20.40 -8.66 13.68
CA GLU C 169 -20.09 -9.98 14.21
C GLU C 169 -20.63 -11.09 13.30
N PRO C 170 -20.08 -11.20 12.09
CA PRO C 170 -20.55 -12.16 11.09
C PRO C 170 -20.57 -13.61 11.53
N TRP C 171 -19.99 -13.97 12.66
CA TRP C 171 -19.87 -15.38 13.03
C TRP C 171 -21.22 -15.93 13.53
N LYS C 172 -22.09 -15.04 14.01
CA LYS C 172 -23.43 -15.37 14.51
C LYS C 172 -24.39 -15.96 13.45
N VAL C 173 -24.16 -15.56 12.20
CA VAL C 173 -25.06 -15.91 11.12
C VAL C 173 -24.54 -17.08 10.24
N LEU C 174 -23.48 -17.76 10.65
CA LEU C 174 -22.96 -18.86 9.85
C LEU C 174 -23.85 -20.08 9.78
N GLU C 175 -24.56 -20.42 10.86
CA GLU C 175 -25.47 -21.59 10.82
C GLU C 175 -26.46 -21.37 9.68
N LYS C 176 -27.03 -20.17 9.61
CA LYS C 176 -28.02 -19.86 8.59
C LYS C 176 -27.42 -19.59 7.26
N ALA C 177 -26.34 -18.82 7.23
CA ALA C 177 -25.67 -18.52 5.98
C ALA C 177 -25.31 -19.81 5.33
N ALA C 178 -24.68 -20.68 6.10
CA ALA C 178 -24.28 -21.98 5.62
C ALA C 178 -25.46 -22.76 5.11
N LEU C 179 -26.53 -22.83 5.92
CA LEU C 179 -27.74 -23.51 5.47
C LEU C 179 -28.29 -22.97 4.12
N ALA C 180 -28.60 -21.67 4.09
CA ALA C 180 -29.05 -20.98 2.88
C ALA C 180 -28.21 -21.21 1.60
N LEU C 181 -26.89 -21.43 1.73
CA LEU C 181 -25.95 -21.44 0.57
C LEU C 181 -25.82 -22.74 -0.25
N LYS C 182 -25.97 -22.64 -1.57
CA LYS C 182 -25.84 -23.83 -2.41
C LYS C 182 -24.42 -24.28 -2.19
N PRO C 183 -24.15 -25.58 -2.27
CA PRO C 183 -22.78 -25.97 -1.97
C PRO C 183 -21.83 -25.38 -3.01
N ASP C 184 -20.62 -25.06 -2.59
CA ASP C 184 -19.55 -24.62 -3.47
C ASP C 184 -19.68 -23.13 -3.77
N ARG C 185 -20.81 -22.52 -3.44
CA ARG C 185 -20.92 -21.06 -3.53
C ARG C 185 -20.31 -20.32 -2.32
N PHE C 186 -20.24 -18.99 -2.41
CA PHE C 186 -19.39 -18.24 -1.49
C PHE C 186 -20.09 -17.38 -0.49
N LEU C 187 -19.42 -17.23 0.64
CA LEU C 187 -19.83 -16.27 1.64
C LEU C 187 -18.75 -15.24 1.70
N VAL C 188 -19.14 -13.99 1.61
CA VAL C 188 -18.16 -12.93 1.50
C VAL C 188 -18.49 -11.90 2.53
N ALA C 189 -17.48 -11.63 3.36
CA ALA C 189 -17.72 -10.83 4.52
C ALA C 189 -16.76 -9.68 4.64
N TYR C 190 -17.34 -8.51 4.84
CA TYR C 190 -16.65 -7.23 4.93
C TYR C 190 -16.29 -6.96 6.39
N LEU C 191 -15.00 -6.75 6.69
CA LEU C 191 -14.53 -6.55 8.08
C LEU C 191 -13.36 -5.58 8.26
N PRO C 192 -13.55 -4.51 9.02
CA PRO C 192 -12.47 -3.55 9.23
C PRO C 192 -11.23 -4.08 9.93
N ASN C 193 -11.34 -4.88 10.99
CA ASN C 193 -10.17 -5.26 11.77
C ASN C 193 -9.71 -6.67 11.50
N ILE C 194 -8.40 -6.89 11.49
CA ILE C 194 -7.82 -8.22 11.40
C ILE C 194 -8.28 -9.11 12.60
N THR C 195 -8.55 -8.50 13.74
CA THR C 195 -9.09 -9.26 14.87
C THR C 195 -10.47 -9.92 14.54
N GLN C 196 -11.36 -9.16 13.92
CA GLN C 196 -12.59 -9.74 13.40
C GLN C 196 -12.40 -10.82 12.32
N VAL C 197 -11.46 -10.59 11.41
CA VAL C 197 -11.15 -11.58 10.39
C VAL C 197 -10.73 -12.92 11.04
N LEU C 198 -9.84 -12.81 12.02
CA LEU C 198 -9.36 -13.98 12.76
C LEU C 198 -10.52 -14.69 13.42
N GLU C 199 -11.37 -13.93 14.13
CA GLU C 199 -12.49 -14.56 14.82
C GLU C 199 -13.39 -15.27 13.81
N LEU C 200 -13.67 -14.65 12.66
CA LEU C 200 -14.53 -15.30 11.65
C LEU C 200 -13.89 -16.53 11.05
N VAL C 201 -12.57 -16.51 10.89
CA VAL C 201 -11.88 -17.71 10.43
C VAL C 201 -12.04 -18.85 11.43
N ARG C 202 -11.78 -18.60 12.72
CA ARG C 202 -11.93 -19.67 13.73
C ARG C 202 -13.38 -20.16 13.95
N ALA C 203 -14.31 -19.24 14.19
CA ALA C 203 -15.71 -19.61 14.25
C ALA C 203 -16.12 -20.42 13.02
N ALA C 204 -15.65 -20.07 11.83
CA ALA C 204 -16.02 -20.84 10.62
C ALA C 204 -15.51 -22.26 10.54
N GLU C 205 -14.58 -22.67 11.40
CA GLU C 205 -14.06 -24.05 11.31
C GLU C 205 -15.10 -25.06 11.80
N ALA C 206 -16.07 -24.53 12.57
CA ALA C 206 -17.22 -25.28 13.11
C ALA C 206 -18.27 -25.68 12.06
N HIS C 207 -18.39 -24.86 11.01
CA HIS C 207 -19.37 -25.07 9.97
C HIS C 207 -18.68 -25.55 8.69
N PRO C 208 -19.46 -25.99 7.70
CA PRO C 208 -18.89 -26.60 6.52
C PRO C 208 -18.41 -25.57 5.51
N PHE C 209 -17.39 -24.80 5.92
CA PHE C 209 -16.81 -23.72 5.12
C PHE C 209 -15.29 -23.91 5.06
N ARG C 210 -14.77 -23.87 3.84
CA ARG C 210 -13.33 -23.76 3.62
C ARG C 210 -12.98 -22.30 3.34
N LEU C 211 -11.95 -21.78 4.01
CA LEU C 211 -11.48 -20.41 3.81
C LEU C 211 -10.72 -20.39 2.49
N GLU C 212 -11.14 -19.54 1.53
CA GLU C 212 -10.47 -19.47 0.24
C GLU C 212 -9.55 -18.24 0.22
N ARG C 213 -10.04 -17.14 0.79
CA ARG C 213 -9.33 -15.88 0.66
C ARG C 213 -9.55 -14.84 1.76
N VAL C 214 -8.44 -14.20 2.11
CA VAL C 214 -8.44 -12.96 2.88
C VAL C 214 -7.67 -11.82 2.17
N LEU C 215 -8.35 -10.76 1.74
CA LEU C 215 -7.62 -9.70 1.05
C LEU C 215 -8.06 -8.28 1.30
N GLU C 216 -7.11 -7.37 1.12
CA GLU C 216 -7.35 -5.96 1.11
C GLU C 216 -7.31 -5.45 -0.31
N VAL C 217 -8.25 -4.60 -0.66
CA VAL C 217 -8.25 -3.99 -1.99
C VAL C 217 -7.57 -2.60 -1.96
N GLY C 218 -6.95 -2.24 -3.06
CA GLY C 218 -6.33 -0.94 -3.13
C GLY C 218 -6.54 -0.28 -4.47
N TRP C 219 -7.25 0.84 -4.48
CA TRP C 219 -7.37 1.63 -5.68
C TRP C 219 -6.63 2.90 -5.50
N ARG C 220 -5.36 2.83 -5.89
CA ARG C 220 -4.46 3.94 -5.90
C ARG C 220 -4.67 4.85 -7.11
N GLU C 221 -5.35 5.97 -6.85
CA GLU C 221 -5.55 6.99 -7.84
C GLU C 221 -4.25 7.73 -8.12
N TRP C 222 -4.08 8.15 -9.37
CA TRP C 222 -2.94 8.95 -9.76
C TRP C 222 -3.47 10.30 -10.19
N GLU C 223 -2.65 11.34 -10.00
CA GLU C 223 -2.84 12.65 -10.61
C GLU C 223 -1.99 12.82 -11.83
N VAL C 224 -2.64 13.27 -12.89
CA VAL C 224 -1.96 13.50 -14.15
C VAL C 224 -2.40 14.76 -14.89
N ARG C 225 -1.60 15.82 -14.72
CA ARG C 225 -1.80 17.13 -15.33
C ARG C 225 -0.42 17.44 -15.88
N LEU C 226 -0.15 16.94 -17.08
CA LEU C 226 1.21 16.91 -17.59
C LEU C 226 1.70 18.35 -17.57
N PRO C 227 2.95 18.54 -17.15
CA PRO C 227 4.00 17.57 -16.80
C PRO C 227 3.87 16.83 -15.45
N VAL C 228 2.90 17.19 -14.62
CA VAL C 228 2.70 16.48 -13.38
C VAL C 228 2.13 15.07 -13.62
N ALA C 229 2.69 14.08 -12.92
CA ALA C 229 2.22 12.72 -13.03
C ALA C 229 2.75 11.96 -11.86
N HIS C 230 1.87 11.69 -10.91
CA HIS C 230 2.27 10.93 -9.70
C HIS C 230 1.10 10.31 -8.99
N PRO C 231 1.35 9.31 -8.14
CA PRO C 231 0.24 8.90 -7.30
C PRO C 231 -0.26 9.98 -6.34
N ARG C 232 -1.59 10.08 -6.22
CA ARG C 232 -2.22 11.04 -5.33
C ARG C 232 -1.55 10.95 -3.96
N PHE C 233 -1.03 12.08 -3.54
CA PHE C 233 -0.71 12.36 -2.16
C PHE C 233 -1.64 11.70 -1.13
N GLN C 234 -2.92 12.07 -1.15
CA GLN C 234 -3.95 11.52 -0.27
C GLN C 234 -4.77 10.36 -0.89
N GLN C 235 -4.93 9.27 -0.14
CA GLN C 235 -5.61 8.06 -0.64
C GLN C 235 -6.60 7.36 0.30
N VAL C 236 -7.72 6.87 -0.23
CA VAL C 236 -8.49 5.88 0.51
C VAL C 236 -7.51 4.72 0.74
N GLY C 237 -6.87 4.69 1.90
CA GLY C 237 -5.94 3.63 2.24
C GLY C 237 -6.70 2.33 2.42
N HIS C 238 -6.85 1.93 3.68
CA HIS C 238 -7.55 0.69 3.99
C HIS C 238 -8.98 0.92 4.43
N THR C 239 -9.89 0.19 3.82
CA THR C 239 -11.29 0.31 4.16
C THR C 239 -11.68 -0.96 4.91
N ALA C 240 -11.39 -2.12 4.34
CA ALA C 240 -11.69 -3.36 5.04
C ALA C 240 -11.09 -4.63 4.44
N PHE C 241 -10.98 -5.64 5.30
CA PHE C 241 -10.65 -6.97 4.84
C PHE C 241 -11.87 -7.63 4.24
N LEU C 242 -11.62 -8.52 3.28
CA LEU C 242 -12.69 -9.24 2.65
C LEU C 242 -12.40 -10.72 2.82
N VAL C 243 -13.21 -11.41 3.64
CA VAL C 243 -13.04 -12.83 3.80
C VAL C 243 -13.98 -13.53 2.89
N ALA C 244 -13.43 -14.44 2.09
CA ALA C 244 -14.22 -15.33 1.27
C ALA C 244 -14.19 -16.78 1.77
N LEU C 245 -15.37 -17.32 1.97
CA LEU C 245 -15.51 -18.67 2.50
C LEU C 245 -16.30 -19.44 1.48
N ARG C 246 -16.05 -20.74 1.40
CA ARG C 246 -16.72 -21.57 0.40
C ARG C 246 -17.42 -22.75 1.08
N ARG C 247 -18.72 -22.91 0.85
CA ARG C 247 -19.49 -23.99 1.46
C ARG C 247 -19.05 -25.41 1.00
N TRP C 248 -18.79 -26.33 1.95
CA TRP C 248 -18.42 -27.72 1.64
C TRP C 248 -19.70 -28.44 1.13
N LYS C 249 -19.66 -29.74 0.79
CA LYS C 249 -20.84 -30.40 0.19
C LYS C 249 -22.15 -30.39 1.00
N GLY C 250 -22.10 -30.73 2.29
CA GLY C 250 -20.87 -30.93 3.02
C GLY C 250 -21.17 -31.64 4.31
N SER C 251 -20.26 -32.57 4.61
CA SER C 251 -20.39 -33.62 5.63
C SER C 251 -20.96 -34.84 4.88
N HIS D 55 35.46 -4.91 -7.84
CA HIS D 55 34.35 -3.99 -7.48
C HIS D 55 33.88 -4.16 -6.03
N ARG D 56 34.32 -3.27 -5.14
CA ARG D 56 33.92 -3.25 -3.72
C ARG D 56 32.40 -3.21 -3.50
N PRO D 57 31.90 -3.72 -2.34
CA PRO D 57 30.46 -3.95 -2.21
C PRO D 57 29.69 -3.14 -1.16
N THR D 58 28.44 -2.85 -1.46
CA THR D 58 27.58 -2.12 -0.54
C THR D 58 27.07 -3.08 0.54
N LEU D 59 26.51 -2.54 1.62
CA LEU D 59 26.15 -3.39 2.74
C LEU D 59 25.11 -4.38 2.27
N GLU D 60 24.17 -3.90 1.46
CA GLU D 60 23.15 -4.77 0.85
C GLU D 60 23.83 -5.99 0.19
N GLU D 61 24.77 -5.72 -0.73
CA GLU D 61 25.41 -6.75 -1.56
C GLU D 61 26.09 -7.77 -0.65
N TYR D 62 26.80 -7.24 0.35
CA TYR D 62 27.44 -8.09 1.34
C TYR D 62 26.39 -9.01 1.99
N LEU D 63 25.28 -8.42 2.43
CA LEU D 63 24.25 -9.19 3.10
C LEU D 63 23.65 -10.29 2.21
N LEU D 64 23.66 -10.08 0.91
CA LEU D 64 23.25 -11.13 -0.02
C LEU D 64 24.21 -12.29 -0.18
N HIS D 65 25.50 -12.06 -0.31
CA HIS D 65 26.43 -13.20 -0.42
C HIS D 65 26.99 -13.67 0.94
N MET D 66 26.51 -13.02 1.99
CA MET D 66 26.85 -13.38 3.36
C MET D 66 26.30 -14.79 3.69
N LYS D 67 26.82 -15.39 4.76
CA LYS D 67 26.32 -16.68 5.23
C LYS D 67 25.17 -16.46 6.25
N ARG D 68 23.92 -16.62 5.80
CA ARG D 68 22.69 -16.33 6.59
C ARG D 68 21.89 -17.59 6.91
N SER D 69 22.04 -18.15 8.12
CA SER D 69 21.31 -19.39 8.46
C SER D 69 19.79 -19.13 8.43
N ALA D 70 19.37 -18.04 9.10
CA ALA D 70 17.96 -17.69 9.15
C ALA D 70 17.55 -16.94 7.90
N THR D 71 16.28 -16.57 7.85
CA THR D 71 15.76 -15.68 6.83
C THR D 71 16.51 -14.36 6.94
N PRO D 72 16.88 -13.77 5.79
CA PRO D 72 17.70 -12.56 5.78
C PRO D 72 17.02 -11.38 6.42
N THR D 73 17.76 -10.28 6.54
CA THR D 73 17.15 -9.00 6.87
C THR D 73 17.12 -8.16 5.59
N TYR D 74 16.00 -7.52 5.35
CA TYR D 74 15.90 -6.70 4.19
C TYR D 74 16.27 -5.29 4.63
N PRO D 75 16.99 -4.55 3.79
CA PRO D 75 17.38 -3.18 4.13
C PRO D 75 16.22 -2.21 4.34
N LYS D 76 15.08 -2.45 3.70
CA LYS D 76 13.91 -1.63 3.95
C LYS D 76 13.58 -1.73 5.42
N ASP D 77 13.39 -2.98 5.87
CA ASP D 77 13.09 -3.27 7.29
C ASP D 77 14.13 -2.78 8.28
N ALA D 78 15.42 -3.05 8.05
CA ALA D 78 16.50 -2.54 8.90
C ALA D 78 16.67 -1.00 8.89
N SER D 79 16.47 -0.37 7.73
CA SER D 79 16.44 1.10 7.60
C SER D 79 15.30 1.68 8.44
N ALA D 80 14.13 1.09 8.28
CA ALA D 80 12.98 1.55 9.02
C ALA D 80 13.23 1.36 10.53
N MET D 81 13.87 0.25 10.86
CA MET D 81 14.22 -0.07 12.26
C MET D 81 15.14 0.95 12.86
N VAL D 82 16.27 1.23 12.23
CA VAL D 82 17.08 2.36 12.65
C VAL D 82 16.25 3.67 12.79
N THR D 83 15.46 4.07 11.78
CA THR D 83 14.69 5.33 11.89
C THR D 83 13.74 5.31 13.09
N LEU D 84 13.09 4.18 13.35
CA LEU D 84 12.12 4.14 14.43
C LEU D 84 12.77 4.21 15.83
N LEU D 85 13.97 3.68 15.96
CA LEU D 85 14.70 3.77 17.21
C LEU D 85 15.36 5.14 17.40
N ASP D 86 15.29 5.98 16.38
CA ASP D 86 15.96 7.27 16.42
C ASP D 86 17.42 7.15 16.76
N LEU D 87 18.16 6.23 16.13
CA LEU D 87 19.60 6.09 16.42
C LEU D 87 20.47 7.16 15.77
N ALA D 88 21.32 7.77 16.60
CA ALA D 88 22.27 8.78 16.15
C ALA D 88 23.66 8.36 16.58
N PRO D 89 24.70 8.95 15.96
CA PRO D 89 26.09 8.59 16.25
C PRO D 89 26.37 8.75 17.70
N GLY D 90 27.02 7.78 18.32
CA GLY D 90 27.32 7.85 19.74
C GLY D 90 26.45 7.01 20.68
N MET D 91 25.24 6.64 20.29
CA MET D 91 24.32 5.89 21.19
C MET D 91 24.74 4.45 21.47
N ARG D 92 24.11 3.85 22.48
CA ARG D 92 24.44 2.51 23.00
C ARG D 92 23.16 1.67 22.91
N VAL D 93 23.18 0.73 21.98
CA VAL D 93 21.98 0.06 21.56
C VAL D 93 22.13 -1.43 21.93
N LEU D 94 20.99 -2.10 22.18
CA LEU D 94 20.93 -3.52 22.54
C LEU D 94 20.30 -4.33 21.43
N GLU D 95 20.92 -5.44 21.00
CA GLU D 95 20.43 -6.19 19.82
C GLU D 95 20.35 -7.67 20.09
N ALA D 96 19.24 -8.29 19.65
CA ALA D 96 19.08 -9.77 19.63
C ALA D 96 18.14 -10.14 18.50
N GLY D 97 18.38 -11.19 17.72
CA GLY D 97 19.48 -12.10 17.91
C GLY D 97 19.53 -13.06 16.74
N THR D 98 18.35 -13.51 16.26
CA THR D 98 18.26 -14.50 15.17
C THR D 98 18.86 -13.99 13.86
N GLY D 99 19.32 -14.94 13.05
CA GLY D 99 19.80 -14.64 11.71
C GLY D 99 21.30 -14.58 11.74
N SER D 100 21.80 -13.39 12.07
CA SER D 100 23.19 -13.19 12.43
C SER D 100 24.03 -13.13 11.13
N GLY D 101 24.77 -12.03 10.84
CA GLY D 101 24.83 -10.79 11.63
C GLY D 101 24.46 -9.44 10.98
N GLY D 102 23.33 -9.38 10.29
CA GLY D 102 23.03 -8.25 9.43
C GLY D 102 22.22 -7.08 9.96
N LEU D 103 21.34 -7.30 10.91
CA LEU D 103 20.76 -6.19 11.61
C LEU D 103 21.87 -5.51 12.42
N THR D 104 22.83 -6.31 12.90
CA THR D 104 23.91 -5.74 13.73
C THR D 104 24.78 -4.78 12.90
N LEU D 105 24.99 -5.07 11.63
CA LEU D 105 25.79 -4.18 10.79
C LEU D 105 25.12 -2.83 10.58
N PHE D 106 23.85 -2.88 10.22
CA PHE D 106 23.06 -1.70 10.13
C PHE D 106 23.18 -0.91 11.44
N LEU D 107 22.99 -1.60 12.57
CA LEU D 107 23.04 -0.91 13.88
C LEU D 107 24.40 -0.27 14.24
N ALA D 108 25.50 -0.94 13.85
CA ALA D 108 26.84 -0.40 13.98
C ALA D 108 27.04 0.89 13.15
N ARG D 109 26.61 0.88 11.89
CA ARG D 109 26.63 2.10 11.09
C ARG D 109 25.84 3.24 11.72
N ALA D 110 24.65 2.90 12.23
CA ALA D 110 23.77 3.88 12.87
C ALA D 110 24.42 4.53 14.05
N VAL D 111 24.92 3.71 14.98
CA VAL D 111 25.42 4.22 16.27
C VAL D 111 26.67 4.98 16.08
N GLY D 112 27.39 4.67 15.03
CA GLY D 112 28.53 5.49 14.65
C GLY D 112 29.82 5.03 15.27
N GLU D 113 30.84 5.79 14.93
CA GLU D 113 32.19 5.73 15.51
C GLU D 113 32.28 5.43 17.06
N LYS D 114 31.79 6.35 17.89
CA LYS D 114 31.88 6.29 19.34
C LYS D 114 30.71 5.50 20.02
N GLY D 115 29.81 4.97 19.21
CA GLY D 115 28.67 4.28 19.79
C GLY D 115 29.01 2.81 19.89
N LEU D 116 28.12 2.05 20.51
CA LEU D 116 28.40 0.65 20.76
C LEU D 116 27.13 -0.11 20.62
N VAL D 117 27.25 -1.30 20.06
CA VAL D 117 26.15 -2.22 19.88
C VAL D 117 26.41 -3.51 20.68
N GLU D 118 25.50 -3.83 21.60
CA GLU D 118 25.58 -5.05 22.36
C GLU D 118 24.66 -6.12 21.84
N SER D 119 25.27 -7.08 21.13
CA SER D 119 24.53 -8.10 20.41
C SER D 119 24.54 -9.42 21.14
N TYR D 120 23.35 -9.88 21.51
CA TYR D 120 23.17 -11.16 22.17
C TYR D 120 22.75 -12.31 21.26
N GLU D 121 23.54 -13.37 21.30
CA GLU D 121 23.22 -14.59 20.61
C GLU D 121 23.22 -15.76 21.56
N ALA D 122 22.02 -16.23 21.89
CA ALA D 122 21.83 -17.33 22.84
C ALA D 122 22.64 -18.58 22.50
N ARG D 123 22.62 -18.95 21.22
CA ARG D 123 23.27 -20.18 20.73
C ARG D 123 24.58 -19.91 19.97
N PRO D 124 25.68 -20.54 20.42
CA PRO D 124 27.07 -20.24 20.06
C PRO D 124 27.45 -20.28 18.59
N HIS D 125 27.36 -21.43 17.92
CA HIS D 125 27.83 -21.50 16.51
C HIS D 125 27.26 -20.33 15.69
N HIS D 126 26.02 -19.95 15.99
CA HIS D 126 25.45 -18.74 15.40
C HIS D 126 26.19 -17.50 15.80
N LEU D 127 26.47 -17.34 17.10
CA LEU D 127 27.21 -16.17 17.57
C LEU D 127 28.52 -16.05 16.83
N ALA D 128 29.20 -17.17 16.66
CA ALA D 128 30.45 -17.16 15.90
C ALA D 128 30.18 -16.69 14.46
N GLN D 129 29.20 -17.32 13.80
CA GLN D 129 28.94 -16.99 12.40
C GLN D 129 28.58 -15.52 12.22
N ALA D 130 27.81 -15.00 13.19
CA ALA D 130 27.52 -13.56 13.32
C ALA D 130 28.85 -12.81 13.32
N GLU D 131 29.73 -13.16 14.29
CA GLU D 131 31.04 -12.50 14.44
C GLU D 131 31.94 -12.57 13.17
N ARG D 132 32.10 -13.73 12.54
CA ARG D 132 32.84 -13.77 11.25
C ARG D 132 32.20 -12.80 10.25
N ASN D 133 30.91 -13.03 9.93
CA ASN D 133 30.20 -12.14 9.04
C ASN D 133 30.39 -10.66 9.36
N VAL D 134 30.13 -10.24 10.58
CA VAL D 134 30.24 -8.83 10.96
C VAL D 134 31.69 -8.34 10.78
N ARG D 135 32.65 -9.02 11.41
CA ARG D 135 34.01 -8.50 11.46
C ARG D 135 34.82 -8.70 10.16
N ALA D 136 34.25 -9.41 9.18
CA ALA D 136 34.79 -9.41 7.80
C ALA D 136 34.53 -8.13 7.01
N PHE D 137 33.33 -7.57 7.14
CA PHE D 137 32.90 -6.36 6.41
C PHE D 137 33.12 -5.09 7.24
N TRP D 138 32.90 -5.22 8.55
CA TRP D 138 32.88 -4.09 9.49
C TRP D 138 34.04 -4.11 10.52
N GLN D 139 35.11 -3.44 10.10
CA GLN D 139 36.34 -3.30 10.83
C GLN D 139 36.18 -2.74 12.25
N VAL D 140 35.35 -1.70 12.41
CA VAL D 140 35.29 -0.95 13.67
C VAL D 140 35.00 -1.84 14.88
N GLU D 141 35.70 -1.56 15.96
CA GLU D 141 35.54 -2.23 17.21
C GLU D 141 34.45 -1.54 17.99
N ASN D 142 33.28 -1.40 17.38
CA ASN D 142 32.16 -0.71 18.04
C ASN D 142 30.98 -1.67 18.32
N VAL D 143 31.29 -2.97 18.37
CA VAL D 143 30.30 -4.01 18.65
C VAL D 143 30.83 -4.97 19.71
N ARG D 144 29.95 -5.38 20.61
CA ARG D 144 30.30 -6.30 21.64
C ARG D 144 29.34 -7.48 21.62
N PHE D 145 29.90 -8.64 21.36
CA PHE D 145 29.13 -9.85 21.27
C PHE D 145 28.99 -10.53 22.58
N HIS D 146 27.79 -11.03 22.86
CA HIS D 146 27.54 -11.82 24.08
C HIS D 146 26.92 -13.17 23.76
N LEU D 147 27.49 -14.20 24.37
CA LEU D 147 26.86 -15.52 24.41
C LEU D 147 25.94 -15.63 25.60
N GLY D 148 24.77 -15.07 25.46
CA GLY D 148 23.76 -15.29 26.46
C GLY D 148 22.43 -14.90 25.87
N LYS D 149 21.36 -15.38 26.47
CA LYS D 149 20.05 -14.88 26.12
C LYS D 149 20.04 -13.44 26.64
N LEU D 150 19.09 -12.64 26.19
CA LEU D 150 19.07 -11.25 26.60
C LEU D 150 18.30 -11.12 27.94
N GLU D 151 17.48 -12.12 28.28
CA GLU D 151 16.66 -12.08 29.50
C GLU D 151 17.45 -12.43 30.71
N GLU D 152 18.42 -13.31 30.48
CA GLU D 152 19.26 -13.86 31.52
C GLU D 152 20.40 -12.89 31.84
N ALA D 153 20.89 -12.15 30.85
CA ALA D 153 22.02 -11.21 31.07
C ALA D 153 21.69 -10.07 32.06
N GLU D 154 22.74 -9.42 32.56
CA GLU D 154 22.62 -8.42 33.64
C GLU D 154 23.23 -7.08 33.21
N LEU D 155 22.40 -6.04 33.19
CA LEU D 155 22.75 -4.79 32.52
C LEU D 155 22.36 -3.56 33.32
N GLU D 156 23.27 -2.57 33.32
CA GLU D 156 23.10 -1.32 34.08
C GLU D 156 21.72 -0.73 33.75
N GLU D 157 21.06 -0.12 34.75
CA GLU D 157 19.71 0.42 34.54
C GLU D 157 19.71 1.76 33.78
N ALA D 158 18.70 1.98 32.95
CA ALA D 158 18.55 3.22 32.15
C ALA D 158 19.87 3.71 31.54
N ALA D 159 20.53 2.81 30.84
CA ALA D 159 21.85 3.07 30.27
C ALA D 159 21.89 2.79 28.79
N TYR D 160 20.74 2.49 28.19
CA TYR D 160 20.68 2.15 26.77
C TYR D 160 19.69 3.03 26.01
N ASP D 161 19.95 3.23 24.72
CA ASP D 161 19.17 4.16 23.91
C ASP D 161 18.27 3.42 22.93
N GLY D 162 18.27 2.12 23.06
CA GLY D 162 17.34 1.34 22.30
C GLY D 162 17.56 -0.15 22.41
N VAL D 163 16.53 -0.86 21.98
CA VAL D 163 16.53 -2.30 21.92
C VAL D 163 15.97 -2.74 20.55
N ALA D 164 16.76 -3.54 19.85
CA ALA D 164 16.41 -3.98 18.53
C ALA D 164 16.34 -5.50 18.55
N LEU D 165 15.12 -6.00 18.40
CA LEU D 165 14.87 -7.42 18.46
C LEU D 165 14.42 -7.97 17.13
N ALA D 166 15.08 -9.03 16.71
CA ALA D 166 14.63 -9.87 15.61
C ALA D 166 14.06 -11.20 16.12
N LEU D 167 13.93 -11.33 17.44
CA LEU D 167 13.47 -12.55 18.13
C LEU D 167 12.09 -13.06 17.75
N MET D 168 11.91 -14.38 17.84
CA MET D 168 10.61 -15.00 17.65
C MET D 168 9.77 -14.72 18.88
N GLU D 169 10.42 -14.79 20.05
CA GLU D 169 9.74 -14.63 21.32
C GLU D 169 9.97 -13.26 21.97
N PRO D 170 9.62 -12.17 21.28
CA PRO D 170 10.01 -10.86 21.80
C PRO D 170 9.48 -10.54 23.19
N TRP D 171 8.24 -10.89 23.50
CA TRP D 171 7.63 -10.62 24.81
C TRP D 171 8.52 -11.06 25.96
N LYS D 172 9.18 -12.22 25.80
CA LYS D 172 10.07 -12.77 26.82
C LYS D 172 11.12 -11.79 27.44
N VAL D 173 11.71 -10.94 26.62
CA VAL D 173 12.72 -10.00 27.08
C VAL D 173 12.09 -8.63 27.50
N LEU D 174 10.77 -8.50 27.46
CA LEU D 174 10.12 -7.22 27.77
C LEU D 174 10.61 -6.57 29.05
N GLU D 175 10.79 -7.36 30.10
CA GLU D 175 11.06 -6.79 31.41
C GLU D 175 12.48 -6.33 31.58
N LYS D 176 13.43 -7.11 31.08
CA LYS D 176 14.83 -6.69 31.18
C LYS D 176 15.13 -5.52 30.25
N ALA D 177 14.25 -5.26 29.28
CA ALA D 177 14.44 -4.10 28.42
C ALA D 177 13.94 -2.86 29.12
N ALA D 178 12.78 -2.94 29.79
CA ALA D 178 12.23 -1.76 30.48
C ALA D 178 13.25 -1.19 31.49
N LEU D 179 14.05 -2.08 32.07
CA LEU D 179 15.10 -1.73 33.00
C LEU D 179 16.24 -1.04 32.26
N ALA D 180 16.76 -1.73 31.23
CA ALA D 180 17.99 -1.33 30.54
C ALA D 180 17.83 -0.05 29.75
N LEU D 181 16.63 0.12 29.20
CA LEU D 181 16.29 1.18 28.27
C LEU D 181 15.99 2.48 29.04
N LYS D 182 16.64 3.57 28.65
CA LYS D 182 16.35 4.88 29.23
C LYS D 182 14.87 5.21 29.06
N PRO D 183 14.38 6.28 29.68
CA PRO D 183 12.95 6.60 29.48
C PRO D 183 12.65 7.29 28.16
N ASP D 184 11.47 7.05 27.61
CA ASP D 184 11.01 7.73 26.41
C ASP D 184 11.85 7.30 25.22
N ARG D 185 12.64 6.24 25.39
CA ARG D 185 13.30 5.60 24.25
C ARG D 185 12.57 4.32 23.86
N PHE D 186 13.04 3.71 22.78
CA PHE D 186 12.23 2.75 22.07
C PHE D 186 12.77 1.32 22.01
N LEU D 187 11.80 0.41 21.99
CA LEU D 187 12.02 -0.99 21.63
C LEU D 187 11.31 -1.23 20.29
N VAL D 188 12.04 -1.71 19.30
CA VAL D 188 11.46 -1.97 18.00
C VAL D 188 11.62 -3.45 17.73
N ALA D 189 10.52 -4.10 17.41
CA ALA D 189 10.51 -5.55 17.14
C ALA D 189 10.08 -5.90 15.73
N TYR D 190 10.90 -6.68 15.04
CA TYR D 190 10.60 -7.27 13.72
C TYR D 190 9.78 -8.55 13.93
N LEU D 191 8.55 -8.60 13.42
CA LEU D 191 7.67 -9.78 13.56
C LEU D 191 6.91 -10.04 12.23
N PRO D 192 6.98 -11.28 11.70
CA PRO D 192 6.35 -11.58 10.41
C PRO D 192 4.84 -11.66 10.42
N ASN D 193 4.30 -12.09 11.55
CA ASN D 193 2.94 -12.44 11.65
C ASN D 193 2.19 -11.42 12.48
N ILE D 194 0.96 -11.14 12.08
CA ILE D 194 0.11 -10.24 12.78
C ILE D 194 -0.26 -10.84 14.14
N THR D 195 -0.24 -12.17 14.21
CA THR D 195 -0.62 -12.84 15.44
C THR D 195 0.47 -12.66 16.53
N GLN D 196 1.73 -12.64 16.12
CA GLN D 196 2.81 -12.32 17.05
C GLN D 196 2.83 -10.83 17.48
N VAL D 197 2.64 -9.95 16.51
CA VAL D 197 2.35 -8.56 16.81
C VAL D 197 1.27 -8.38 17.90
N LEU D 198 0.19 -9.12 17.76
CA LEU D 198 -0.85 -9.01 18.75
C LEU D 198 -0.35 -9.55 20.08
N GLU D 199 0.30 -10.73 20.08
CA GLU D 199 0.82 -11.27 21.35
C GLU D 199 1.65 -10.27 22.12
N LEU D 200 2.59 -9.67 21.42
CA LEU D 200 3.40 -8.58 21.98
C LEU D 200 2.58 -7.38 22.40
N VAL D 201 1.54 -7.00 21.66
CA VAL D 201 0.74 -5.84 22.09
C VAL D 201 0.06 -6.11 23.42
N ARG D 202 -0.47 -7.32 23.61
CA ARG D 202 -1.11 -7.67 24.90
C ARG D 202 -0.04 -7.73 26.01
N ALA D 203 1.02 -8.51 25.82
CA ALA D 203 2.08 -8.62 26.81
C ALA D 203 2.66 -7.27 27.23
N ALA D 204 2.90 -6.34 26.31
CA ALA D 204 3.52 -5.06 26.74
C ALA D 204 2.57 -4.21 27.59
N GLU D 205 1.27 -4.53 27.59
CA GLU D 205 0.32 -3.78 28.41
C GLU D 205 0.69 -3.92 29.88
N ALA D 206 1.49 -4.95 30.14
CA ALA D 206 1.86 -5.37 31.47
C ALA D 206 3.27 -4.92 31.84
N HIS D 207 3.82 -3.97 31.09
CA HIS D 207 5.16 -3.43 31.34
C HIS D 207 5.06 -1.91 31.16
N PRO D 208 6.11 -1.15 31.54
CA PRO D 208 5.99 0.33 31.45
C PRO D 208 6.18 0.93 30.01
N PHE D 209 5.44 0.36 29.04
CA PHE D 209 5.61 0.67 27.63
C PHE D 209 4.33 1.23 26.97
N ARG D 210 4.47 2.25 26.13
CA ARG D 210 3.35 2.76 25.35
C ARG D 210 3.59 2.25 23.95
N LEU D 211 2.55 1.76 23.28
CA LEU D 211 2.68 1.32 21.90
C LEU D 211 2.61 2.53 20.98
N GLU D 212 3.73 2.90 20.33
CA GLU D 212 3.71 4.08 19.48
C GLU D 212 3.26 3.67 18.09
N ARG D 213 3.87 2.60 17.59
CA ARG D 213 3.83 2.35 16.17
C ARG D 213 3.73 0.89 15.91
N VAL D 214 2.82 0.57 14.97
CA VAL D 214 2.78 -0.71 14.25
C VAL D 214 2.72 -0.41 12.76
N LEU D 215 3.72 -0.85 11.99
CA LEU D 215 3.74 -0.51 10.56
C LEU D 215 4.41 -1.56 9.67
N GLU D 216 3.93 -1.75 8.44
CA GLU D 216 4.59 -2.67 7.51
C GLU D 216 5.41 -1.85 6.50
N VAL D 217 6.59 -2.32 6.11
CA VAL D 217 7.43 -1.51 5.23
C VAL D 217 7.53 -2.13 3.85
N GLY D 218 7.20 -1.32 2.84
CA GLY D 218 7.27 -1.72 1.46
C GLY D 218 8.08 -0.77 0.58
N TRP D 219 8.95 -1.34 -0.23
CA TRP D 219 9.65 -0.63 -1.26
C TRP D 219 9.12 -1.18 -2.55
N ARG D 220 8.42 -0.31 -3.27
CA ARG D 220 7.84 -0.67 -4.54
C ARG D 220 8.84 -0.46 -5.67
N GLU D 221 9.56 -1.52 -6.02
CA GLU D 221 10.53 -1.47 -7.09
C GLU D 221 9.84 -1.16 -8.41
N TRP D 222 10.53 -0.44 -9.28
CA TRP D 222 10.04 -0.21 -10.63
C TRP D 222 11.06 -0.71 -11.63
N GLU D 223 10.55 -1.24 -12.73
CA GLU D 223 11.43 -1.57 -13.81
C GLU D 223 11.23 -0.53 -14.89
N VAL D 224 12.34 0.16 -15.08
CA VAL D 224 12.43 1.22 -16.03
C VAL D 224 13.47 0.75 -17.00
N ARG D 225 13.00 0.49 -18.22
CA ARG D 225 13.83 0.03 -19.32
C ARG D 225 13.25 0.59 -20.59
N LEU D 226 13.40 1.91 -20.74
CA LEU D 226 12.62 2.63 -21.71
C LEU D 226 12.71 1.93 -23.06
N PRO D 227 11.57 1.82 -23.72
CA PRO D 227 10.26 2.40 -23.45
C PRO D 227 9.40 1.66 -22.37
N VAL D 228 9.95 0.65 -21.69
CA VAL D 228 9.24 0.00 -20.61
C VAL D 228 9.28 0.91 -19.40
N ALA D 229 8.19 1.00 -18.66
CA ALA D 229 8.25 1.69 -17.37
C ALA D 229 7.05 1.34 -16.61
N HIS D 230 7.25 0.51 -15.60
CA HIS D 230 6.11 -0.03 -14.84
C HIS D 230 6.62 -0.68 -13.55
N PRO D 231 5.82 -0.62 -12.47
CA PRO D 231 6.22 -1.31 -11.23
C PRO D 231 6.44 -2.77 -11.50
N ARG D 232 7.42 -3.39 -10.84
CA ARG D 232 7.78 -4.76 -11.16
C ARG D 232 6.66 -5.67 -10.78
N PHE D 233 6.35 -6.57 -11.70
CA PHE D 233 5.25 -7.53 -11.56
C PHE D 233 5.43 -8.35 -10.29
N GLN D 234 6.62 -8.91 -10.12
CA GLN D 234 6.92 -9.62 -8.90
C GLN D 234 7.66 -8.72 -7.91
N GLN D 235 6.96 -8.43 -6.80
CA GLN D 235 7.49 -7.60 -5.74
C GLN D 235 7.92 -8.50 -4.56
N VAL D 236 8.68 -7.98 -3.58
CA VAL D 236 8.71 -8.59 -2.25
C VAL D 236 7.54 -7.96 -1.49
N GLY D 237 6.36 -8.59 -1.56
CA GLY D 237 5.12 -8.01 -1.07
C GLY D 237 5.09 -7.63 0.41
N HIS D 238 5.73 -8.46 1.25
CA HIS D 238 5.82 -8.24 2.69
C HIS D 238 6.83 -9.20 3.32
N THR D 239 7.63 -8.63 4.20
CA THR D 239 8.59 -9.39 4.97
C THR D 239 8.03 -9.58 6.37
N ALA D 240 7.53 -8.47 6.90
CA ALA D 240 7.20 -8.37 8.30
C ALA D 240 6.74 -6.99 8.72
N PHE D 241 6.22 -6.97 9.95
CA PHE D 241 5.74 -5.81 10.66
C PHE D 241 6.81 -5.30 11.62
N LEU D 242 6.77 -3.99 11.88
CA LEU D 242 7.66 -3.38 12.86
C LEU D 242 6.81 -2.87 14.01
N VAL D 243 7.16 -3.29 15.22
CA VAL D 243 6.50 -2.79 16.41
C VAL D 243 7.40 -1.88 17.30
N ALA D 244 6.99 -0.61 17.48
CA ALA D 244 7.74 0.30 18.35
C ALA D 244 7.02 0.60 19.65
N LEU D 245 7.75 0.33 20.73
CA LEU D 245 7.34 0.64 22.09
C LEU D 245 8.15 1.76 22.65
N ARG D 246 7.48 2.69 23.32
CA ARG D 246 8.13 3.78 24.06
C ARG D 246 8.17 3.48 25.56
N ARG D 247 9.34 3.70 26.14
CA ARG D 247 9.56 3.55 27.57
C ARG D 247 9.04 4.76 28.32
N TRP D 248 8.30 4.49 29.40
CA TRP D 248 7.77 5.55 30.27
C TRP D 248 8.83 5.98 31.26
N LYS D 249 8.65 7.17 31.84
CA LYS D 249 9.36 7.58 33.06
C LYS D 249 9.35 6.52 34.17
N GLY D 250 10.43 6.43 34.95
CA GLY D 250 10.54 5.58 36.15
C GLY D 250 9.64 4.35 36.23
N SER D 251 8.33 4.59 36.03
CA SER D 251 7.34 3.54 35.69
C SER D 251 5.95 4.19 35.63
#